data_8HP7
#
_entry.id   8HP7
#
_cell.length_a   145.987
_cell.length_b   84.221
_cell.length_c   102.356
_cell.angle_alpha   90.00
_cell.angle_beta   133.93
_cell.angle_gamma   90.00
#
_symmetry.space_group_name_H-M   'C 1 2 1'
#
loop_
_entity.id
_entity.type
_entity.pdbx_description
1 polymer '(S)-2-haloacid dehalogenase'
2 non-polymer 'GAMMA-AMINO-BUTANOIC ACID'
3 non-polymer 1,2-ETHANEDIOL
4 water water
#
_entity_poly.entity_id   1
_entity_poly.type   'polypeptide(L)'
_entity_poly.pdbx_seq_one_letter_code
;MGSSHHHHHHSSGLVPRGSHMASMTGGQQMGRGSMRLGDYKALSFDCYGTLIDWESGMIEGLRELTARVGTDMSRDEILQ
AHARHESRQQAQTPGKPYRDLLPIVYKRLAEQWGVPFSQAECEEYGRSVRNWPAFVDSPGALQYLKKYYKLIILSNVDNK
TFQYSNEKLQVEFDAIYSAEDVGAYAPSDRNFEYMNGHIGDLGLEPGDILHTAESLFHDHVPARKFGMANCWIYRRHAQE
GFGATMTPSHEPTYDFRFNSMADLVKAHQEELRNGDKLAAALEHHHHHH
;
_entity_poly.pdbx_strand_id   A,B,C
#
# COMPACT_ATOMS: atom_id res chain seq x y z
N MET A 35 -6.31 -41.03 -6.73
CA MET A 35 -7.24 -41.11 -5.55
C MET A 35 -6.50 -41.54 -4.27
N ARG A 36 -5.17 -41.37 -4.20
CA ARG A 36 -4.40 -41.70 -3.02
C ARG A 36 -3.64 -40.46 -2.54
N LEU A 37 -3.63 -40.27 -1.22
CA LEU A 37 -2.87 -39.17 -0.64
C LEU A 37 -1.40 -39.25 -1.04
N GLY A 38 -0.84 -40.46 -1.10
CA GLY A 38 0.55 -40.61 -1.45
C GLY A 38 0.89 -40.29 -2.89
N ASP A 39 -0.11 -40.02 -3.75
CA ASP A 39 0.14 -39.65 -5.13
C ASP A 39 0.70 -38.25 -5.28
N TYR A 40 0.80 -37.48 -4.20
CA TYR A 40 1.17 -36.08 -4.30
C TYR A 40 2.54 -35.86 -3.69
N LYS A 41 3.28 -34.90 -4.27
CA LYS A 41 4.60 -34.54 -3.77
C LYS A 41 4.54 -33.44 -2.71
N ALA A 42 3.46 -32.68 -2.66
CA ALA A 42 3.37 -31.56 -1.76
C ALA A 42 1.91 -31.34 -1.37
N LEU A 43 1.74 -30.78 -0.18
CA LEU A 43 0.45 -30.28 0.29
C LEU A 43 0.57 -28.78 0.39
N SER A 44 -0.41 -28.07 -0.15
CA SER A 44 -0.55 -26.65 0.12
C SER A 44 -1.69 -26.49 1.11
N PHE A 45 -1.52 -25.57 2.05
CA PHE A 45 -2.49 -25.39 3.11
C PHE A 45 -2.95 -23.96 3.20
N ASP A 46 -4.24 -23.80 3.37
CA ASP A 46 -4.73 -22.58 3.98
C ASP A 46 -4.25 -22.63 5.44
N CYS A 47 -4.05 -21.45 6.04
CA CYS A 47 -3.73 -21.40 7.46
C CYS A 47 -4.94 -21.11 8.36
N TYR A 48 -5.54 -19.93 8.19
CA TYR A 48 -6.52 -19.42 9.15
C TYR A 48 -7.87 -20.07 8.92
N GLY A 49 -8.22 -21.03 9.77
CA GLY A 49 -9.40 -21.86 9.64
C GLY A 49 -9.07 -23.33 9.43
N THR A 50 -7.89 -23.63 8.94
CA THR A 50 -7.44 -25.00 8.71
C THR A 50 -6.42 -25.45 9.75
N LEU A 51 -5.34 -24.68 9.92
CA LEU A 51 -4.27 -24.96 10.87
C LEU A 51 -4.37 -24.11 12.12
N ILE A 52 -4.68 -22.83 11.98
CA ILE A 52 -4.90 -21.91 13.09
C ILE A 52 -6.41 -21.78 13.28
N ASP A 53 -6.86 -21.85 14.53
CA ASP A 53 -8.28 -21.71 14.83
C ASP A 53 -8.64 -20.23 14.85
N TRP A 54 -8.85 -19.66 13.66
CA TRP A 54 -9.11 -18.23 13.58
C TRP A 54 -10.50 -17.87 14.10
N GLU A 55 -11.43 -18.81 14.11
CA GLU A 55 -12.74 -18.51 14.67
C GLU A 55 -12.66 -18.27 16.16
N SER A 56 -11.97 -19.14 16.90
CA SER A 56 -11.77 -18.90 18.32
C SER A 56 -10.92 -17.64 18.54
N GLY A 57 -9.91 -17.44 17.71
CA GLY A 57 -9.03 -16.29 17.89
C GLY A 57 -9.76 -14.97 17.69
N MET A 58 -10.55 -14.87 16.62
CA MET A 58 -11.27 -13.62 16.39
C MET A 58 -12.39 -13.41 17.40
N ILE A 59 -13.04 -14.48 17.87
CA ILE A 59 -14.01 -14.31 18.96
C ILE A 59 -13.36 -13.68 20.18
N GLU A 60 -12.16 -14.16 20.54
CA GLU A 60 -11.46 -13.56 21.67
C GLU A 60 -11.06 -12.11 21.36
N GLY A 61 -10.59 -11.85 20.14
CA GLY A 61 -10.18 -10.50 19.80
C GLY A 61 -11.34 -9.52 19.75
N LEU A 62 -12.55 -10.02 19.49
CA LEU A 62 -13.74 -9.18 19.35
C LEU A 62 -14.57 -9.09 20.61
N ARG A 63 -14.17 -9.75 21.70
CA ARG A 63 -15.13 -9.94 22.77
C ARG A 63 -15.42 -8.65 23.55
N GLU A 64 -14.49 -7.71 23.63
CA GLU A 64 -14.82 -6.44 24.25
C GLU A 64 -15.87 -5.69 23.43
N LEU A 65 -15.77 -5.79 22.10
CA LEU A 65 -16.75 -5.15 21.24
C LEU A 65 -18.10 -5.84 21.30
N THR A 66 -18.12 -7.17 21.17
CA THR A 66 -19.40 -7.87 21.17
C THR A 66 -20.09 -7.79 22.53
N ALA A 67 -19.33 -7.63 23.61
CA ALA A 67 -19.96 -7.46 24.91
C ALA A 67 -20.75 -6.16 24.99
N ARG A 68 -20.33 -5.13 24.25
CA ARG A 68 -21.10 -3.89 24.18
C ARG A 68 -22.43 -4.10 23.48
N VAL A 69 -22.48 -5.01 22.51
CA VAL A 69 -23.74 -5.36 21.88
C VAL A 69 -24.60 -6.17 22.86
N GLY A 70 -24.04 -7.23 23.42
CA GLY A 70 -24.74 -8.10 24.35
C GLY A 70 -24.33 -9.53 24.11
N THR A 71 -24.31 -10.32 25.19
CA THR A 71 -23.91 -11.72 25.09
C THR A 71 -24.97 -12.60 24.45
N ASP A 72 -26.16 -12.06 24.16
CA ASP A 72 -27.16 -12.85 23.44
C ASP A 72 -26.74 -13.07 21.99
N MET A 73 -25.94 -12.16 21.43
CA MET A 73 -25.50 -12.34 20.06
C MET A 73 -24.58 -13.55 19.97
N SER A 74 -24.94 -14.49 19.10
CA SER A 74 -24.30 -15.79 19.09
C SER A 74 -22.96 -15.74 18.35
N ARG A 75 -22.15 -16.78 18.62
CA ARG A 75 -20.87 -16.95 17.94
C ARG A 75 -21.05 -16.93 16.43
N ASP A 76 -22.04 -17.65 15.92
CA ASP A 76 -22.23 -17.74 14.47
C ASP A 76 -22.59 -16.38 13.88
N GLU A 77 -23.42 -15.61 14.58
CA GLU A 77 -23.76 -14.28 14.09
C GLU A 77 -22.52 -13.40 14.03
N ILE A 78 -21.67 -13.48 15.06
CA ILE A 78 -20.43 -12.69 15.04
C ILE A 78 -19.54 -13.12 13.89
N LEU A 79 -19.29 -14.42 13.76
CA LEU A 79 -18.39 -14.92 12.72
C LEU A 79 -18.87 -14.53 11.32
N GLN A 80 -20.18 -14.65 11.07
CA GLN A 80 -20.73 -14.34 9.76
C GLN A 80 -20.71 -12.85 9.47
N ALA A 81 -20.90 -12.02 10.50
CA ALA A 81 -20.81 -10.58 10.29
C ALA A 81 -19.37 -10.19 9.96
N HIS A 82 -18.41 -10.86 10.61
CA HIS A 82 -17.00 -10.64 10.30
C HIS A 82 -16.68 -11.12 8.90
N ALA A 83 -17.19 -12.29 8.51
CA ALA A 83 -16.94 -12.81 7.17
C ALA A 83 -17.40 -11.81 6.12
N ARG A 84 -18.56 -11.21 6.34
CA ARG A 84 -19.11 -10.26 5.38
C ARG A 84 -18.21 -9.03 5.25
N HIS A 85 -17.82 -8.43 6.38
CA HIS A 85 -17.00 -7.23 6.30
C HIS A 85 -15.57 -7.54 5.87
N GLU A 86 -15.02 -8.68 6.31
CA GLU A 86 -13.65 -9.01 5.91
C GLU A 86 -13.54 -9.27 4.41
N SER A 87 -14.43 -10.10 3.87
CA SER A 87 -14.36 -10.40 2.44
C SER A 87 -14.58 -9.15 1.60
N ARG A 88 -15.54 -8.31 1.98
CA ARG A 88 -15.77 -7.09 1.23
C ARG A 88 -14.58 -6.14 1.30
N GLN A 89 -13.98 -5.99 2.48
CA GLN A 89 -12.83 -5.10 2.57
C GLN A 89 -11.61 -5.66 1.85
N GLN A 90 -11.44 -6.98 1.84
CA GLN A 90 -10.34 -7.58 1.08
C GLN A 90 -10.49 -7.34 -0.41
N ALA A 91 -11.72 -7.26 -0.91
CA ALA A 91 -11.93 -6.89 -2.30
C ALA A 91 -11.73 -5.39 -2.53
N GLN A 92 -12.08 -4.56 -1.55
CA GLN A 92 -11.97 -3.12 -1.69
C GLN A 92 -10.52 -2.65 -1.73
N THR A 93 -9.70 -3.17 -0.81
CA THR A 93 -8.30 -2.75 -0.67
C THR A 93 -7.44 -4.01 -0.69
N PRO A 94 -7.25 -4.61 -1.87
CA PRO A 94 -6.58 -5.93 -1.92
C PRO A 94 -5.11 -5.91 -1.51
N GLY A 95 -4.43 -4.78 -1.63
CA GLY A 95 -3.03 -4.66 -1.26
C GLY A 95 -2.77 -4.23 0.16
N LYS A 96 -3.82 -4.05 0.96
CA LYS A 96 -3.63 -3.62 2.34
C LYS A 96 -3.19 -4.81 3.18
N PRO A 97 -2.09 -4.71 3.92
CA PRO A 97 -1.67 -5.84 4.77
C PRO A 97 -2.77 -6.22 5.73
N TYR A 98 -2.90 -7.53 5.97
CA TYR A 98 -3.99 -8.06 6.80
C TYR A 98 -4.04 -7.37 8.16
N ARG A 99 -2.87 -7.16 8.78
CA ARG A 99 -2.81 -6.51 10.08
C ARG A 99 -3.38 -5.09 10.05
N ASP A 100 -3.39 -4.45 8.88
CA ASP A 100 -3.96 -3.11 8.72
C ASP A 100 -5.37 -3.16 8.15
N LEU A 101 -5.79 -4.31 7.62
CA LEU A 101 -7.14 -4.45 7.10
C LEU A 101 -8.13 -4.83 8.19
N LEU A 102 -7.76 -5.73 9.10
CA LEU A 102 -8.66 -6.09 10.19
C LEU A 102 -9.09 -4.91 11.06
N PRO A 103 -8.25 -3.89 11.30
CA PRO A 103 -8.77 -2.70 12.01
C PRO A 103 -9.95 -2.07 11.32
N ILE A 104 -9.99 -2.11 10.00
CA ILE A 104 -11.15 -1.56 9.30
C ILE A 104 -12.37 -2.44 9.50
N VAL A 105 -12.18 -3.77 9.47
CA VAL A 105 -13.28 -4.70 9.73
C VAL A 105 -13.86 -4.46 11.11
N TYR A 106 -13.00 -4.31 12.13
CA TYR A 106 -13.46 -3.99 13.48
C TYR A 106 -14.32 -2.73 13.48
N LYS A 107 -13.87 -1.67 12.81
CA LYS A 107 -14.67 -0.44 12.72
C LYS A 107 -16.01 -0.71 12.05
N ARG A 108 -16.01 -1.44 10.93
CA ARG A 108 -17.27 -1.66 10.23
C ARG A 108 -18.25 -2.43 11.11
N LEU A 109 -17.76 -3.39 11.88
CA LEU A 109 -18.63 -4.15 12.77
C LEU A 109 -19.17 -3.26 13.88
N ALA A 110 -18.29 -2.49 14.53
CA ALA A 110 -18.73 -1.62 15.61
C ALA A 110 -19.80 -0.63 15.11
N GLU A 111 -19.61 -0.11 13.91
CA GLU A 111 -20.57 0.86 13.38
C GLU A 111 -21.89 0.18 13.03
N GLN A 112 -21.82 -1.04 12.49
CA GLN A 112 -23.02 -1.80 12.18
C GLN A 112 -23.81 -2.11 13.44
N TRP A 113 -23.10 -2.39 14.53
CA TRP A 113 -23.76 -2.70 15.79
C TRP A 113 -24.10 -1.46 16.60
N GLY A 114 -23.68 -0.28 16.14
CA GLY A 114 -24.07 0.96 16.79
C GLY A 114 -23.41 1.21 18.12
N VAL A 115 -22.24 0.64 18.36
CA VAL A 115 -21.60 0.76 19.67
C VAL A 115 -20.37 1.66 19.58
N PRO A 116 -20.03 2.36 20.65
CA PRO A 116 -18.79 3.15 20.67
C PRO A 116 -17.57 2.25 20.55
N PHE A 117 -16.51 2.82 19.98
CA PHE A 117 -15.25 2.12 19.82
C PHE A 117 -14.18 3.18 19.56
N SER A 118 -12.94 2.73 19.50
CA SER A 118 -11.83 3.65 19.25
C SER A 118 -10.94 3.09 18.16
N GLN A 119 -10.24 3.99 17.49
CA GLN A 119 -9.24 3.58 16.52
C GLN A 119 -8.16 2.70 17.18
N ALA A 120 -7.81 3.01 18.43
CA ALA A 120 -6.84 2.19 19.15
C ALA A 120 -7.32 0.75 19.27
N GLU A 121 -8.60 0.56 19.58
CA GLU A 121 -9.16 -0.79 19.63
C GLU A 121 -9.09 -1.47 18.27
N CYS A 122 -9.30 -0.71 17.20
CA CYS A 122 -9.24 -1.28 15.86
C CYS A 122 -7.85 -1.82 15.57
N GLU A 123 -6.83 -0.99 15.84
CA GLU A 123 -5.46 -1.40 15.55
C GLU A 123 -5.04 -2.58 16.42
N GLU A 124 -5.48 -2.60 17.68
CA GLU A 124 -5.17 -3.73 18.56
C GLU A 124 -5.78 -5.01 18.02
N TYR A 125 -7.00 -4.94 17.48
CA TYR A 125 -7.60 -6.13 16.87
C TYR A 125 -6.75 -6.66 15.73
N GLY A 126 -6.21 -5.79 14.89
CA GLY A 126 -5.35 -6.25 13.81
C GLY A 126 -4.09 -6.93 14.31
N ARG A 127 -3.60 -6.51 15.48
CA ARG A 127 -2.46 -7.15 16.14
C ARG A 127 -2.83 -8.47 16.77
N SER A 128 -4.12 -8.75 16.97
CA SER A 128 -4.49 -9.94 17.70
C SER A 128 -4.24 -11.22 16.92
N VAL A 129 -4.10 -11.12 15.59
CA VAL A 129 -3.93 -12.33 14.76
C VAL A 129 -2.74 -13.14 15.24
N ARG A 130 -1.67 -12.45 15.67
CA ARG A 130 -0.47 -13.17 16.08
C ARG A 130 -0.71 -14.07 17.28
N ASN A 131 -1.84 -13.89 17.98
CA ASN A 131 -2.18 -14.68 19.13
C ASN A 131 -3.32 -15.66 18.89
N TRP A 132 -3.84 -15.73 17.67
CA TRP A 132 -4.85 -16.74 17.36
C TRP A 132 -4.26 -18.13 17.52
N PRO A 133 -4.94 -19.04 18.20
CA PRO A 133 -4.30 -20.31 18.58
C PRO A 133 -4.35 -21.33 17.46
N ALA A 134 -3.35 -22.21 17.46
CA ALA A 134 -3.40 -23.37 16.58
C ALA A 134 -4.48 -24.35 17.07
N PHE A 135 -5.15 -24.98 16.13
CA PHE A 135 -5.86 -26.21 16.50
C PHE A 135 -4.84 -27.15 17.13
N VAL A 136 -5.27 -27.86 18.18
CA VAL A 136 -4.31 -28.64 18.94
CA VAL A 136 -4.38 -28.70 18.98
C VAL A 136 -3.67 -29.73 18.11
N ASP A 137 -4.34 -30.23 17.08
CA ASP A 137 -3.77 -31.30 16.27
C ASP A 137 -2.82 -30.80 15.19
N SER A 138 -2.74 -29.48 14.96
CA SER A 138 -2.00 -29.01 13.79
CA SER A 138 -2.01 -28.99 13.79
C SER A 138 -0.50 -29.21 13.90
N PRO A 139 0.17 -28.86 15.02
CA PRO A 139 1.63 -29.02 15.02
C PRO A 139 2.09 -30.44 14.80
N GLY A 140 1.49 -31.41 15.51
CA GLY A 140 1.89 -32.80 15.31
C GLY A 140 1.57 -33.32 13.92
N ALA A 141 0.43 -32.93 13.37
CA ALA A 141 0.08 -33.36 12.02
C ALA A 141 1.06 -32.81 11.01
N LEU A 142 1.41 -31.53 11.13
CA LEU A 142 2.34 -30.92 10.19
C LEU A 142 3.72 -31.55 10.29
N GLN A 143 4.16 -31.87 11.50
CA GLN A 143 5.45 -32.54 11.68
C GLN A 143 5.44 -33.92 11.04
N TYR A 144 4.34 -34.66 11.16
CA TYR A 144 4.23 -35.94 10.46
C TYR A 144 4.30 -35.74 8.94
N LEU A 145 3.52 -34.79 8.41
CA LEU A 145 3.39 -34.65 6.97
C LEU A 145 4.67 -34.13 6.34
N LYS A 146 5.46 -33.38 7.10
CA LYS A 146 6.74 -32.87 6.60
C LYS A 146 7.66 -34.00 6.19
N LYS A 147 7.51 -35.19 6.79
CA LYS A 147 8.38 -36.32 6.44
C LYS A 147 8.07 -36.87 5.06
N TYR A 148 6.87 -36.61 4.53
CA TYR A 148 6.41 -37.21 3.29
C TYR A 148 6.12 -36.23 2.18
N TYR A 149 6.01 -34.93 2.47
CA TYR A 149 5.57 -33.93 1.51
C TYR A 149 6.32 -32.64 1.75
N LYS A 150 6.57 -31.91 0.68
CA LYS A 150 6.84 -30.48 0.81
C LYS A 150 5.56 -29.80 1.26
N LEU A 151 5.70 -28.81 2.14
CA LEU A 151 4.55 -28.15 2.76
C LEU A 151 4.54 -26.69 2.33
N ILE A 152 3.42 -26.26 1.76
CA ILE A 152 3.26 -24.91 1.24
C ILE A 152 2.11 -24.24 1.98
N ILE A 153 2.26 -22.95 2.26
CA ILE A 153 1.18 -22.13 2.81
C ILE A 153 0.66 -21.19 1.72
N LEU A 154 -0.66 -21.11 1.60
CA LEU A 154 -1.35 -20.11 0.79
C LEU A 154 -2.35 -19.43 1.73
N SER A 155 -2.09 -18.19 2.15
CA SER A 155 -2.84 -17.64 3.27
C SER A 155 -3.13 -16.16 3.11
N ASN A 156 -4.31 -15.75 3.61
CA ASN A 156 -4.75 -14.35 3.67
C ASN A 156 -4.17 -13.74 4.94
N VAL A 157 -2.94 -13.27 4.81
CA VAL A 157 -2.19 -12.78 5.96
C VAL A 157 -1.04 -11.94 5.42
N ASP A 158 -0.45 -11.11 6.28
CA ASP A 158 0.81 -10.45 5.99
C ASP A 158 1.96 -11.28 6.59
N ASN A 159 3.15 -11.10 6.04
CA ASN A 159 4.27 -11.97 6.42
C ASN A 159 4.73 -11.70 7.84
N LYS A 160 4.72 -10.45 8.30
CA LYS A 160 5.12 -10.16 9.66
C LYS A 160 4.22 -10.87 10.66
N THR A 161 2.91 -10.89 10.39
CA THR A 161 1.97 -11.58 11.27
C THR A 161 2.15 -13.08 11.19
N PHE A 162 2.33 -13.60 9.97
CA PHE A 162 2.35 -15.06 9.81
C PHE A 162 3.50 -15.71 10.57
N GLN A 163 4.62 -15.01 10.75
CA GLN A 163 5.73 -15.62 11.47
C GLN A 163 5.31 -16.09 12.86
N TYR A 164 4.37 -15.38 13.50
CA TYR A 164 3.92 -15.76 14.83
C TYR A 164 3.05 -17.00 14.77
N SER A 165 2.19 -17.08 13.75
CA SER A 165 1.41 -18.31 13.57
C SER A 165 2.33 -19.47 13.24
N ASN A 166 3.37 -19.22 12.42
CA ASN A 166 4.31 -20.27 12.05
C ASN A 166 5.00 -20.83 13.29
N GLU A 167 5.32 -19.97 14.24
CA GLU A 167 5.95 -20.41 15.48
C GLU A 167 5.03 -21.33 16.26
N LYS A 168 3.73 -21.02 16.29
CA LYS A 168 2.76 -21.91 16.94
C LYS A 168 2.63 -23.24 16.23
N LEU A 169 2.86 -23.26 14.91
CA LEU A 169 2.68 -24.51 14.16
C LEU A 169 3.90 -25.42 14.22
N GLN A 170 5.07 -24.89 14.56
CA GLN A 170 6.25 -25.70 14.89
C GLN A 170 6.66 -26.60 13.72
N VAL A 171 6.78 -26.00 12.54
CA VAL A 171 7.23 -26.72 11.36
C VAL A 171 7.81 -25.68 10.40
N GLU A 172 8.73 -26.12 9.55
N GLU A 172 8.71 -26.14 9.53
CA GLU A 172 9.27 -25.27 8.51
CA GLU A 172 9.29 -25.32 8.48
C GLU A 172 8.49 -25.52 7.22
C GLU A 172 8.50 -25.54 7.20
N PHE A 173 8.01 -24.45 6.61
CA PHE A 173 7.28 -24.56 5.36
C PHE A 173 8.23 -24.37 4.18
N ASP A 174 8.05 -25.23 3.18
CA ASP A 174 8.88 -25.12 1.98
C ASP A 174 8.59 -23.84 1.20
N ALA A 175 7.36 -23.33 1.28
CA ALA A 175 7.07 -22.04 0.69
C ALA A 175 5.89 -21.43 1.42
N ILE A 176 5.89 -20.10 1.54
CA ILE A 176 4.80 -19.34 2.15
C ILE A 176 4.35 -18.29 1.13
N TYR A 177 3.17 -18.49 0.53
CA TYR A 177 2.60 -17.55 -0.44
C TYR A 177 1.46 -16.79 0.23
N SER A 178 1.73 -15.56 0.65
CA SER A 178 0.78 -14.79 1.44
C SER A 178 0.08 -13.76 0.56
N ALA A 179 -1.07 -13.29 1.05
CA ALA A 179 -1.79 -12.21 0.39
C ALA A 179 -0.91 -10.98 0.23
N GLU A 180 -0.01 -10.72 1.18
CA GLU A 180 0.96 -9.64 1.02
C GLU A 180 1.83 -9.84 -0.21
N ASP A 181 2.35 -11.07 -0.41
CA ASP A 181 3.16 -11.35 -1.59
C ASP A 181 2.35 -11.15 -2.85
N VAL A 182 1.06 -11.49 -2.80
CA VAL A 182 0.25 -11.54 -4.01
C VAL A 182 -0.27 -10.15 -4.36
N GLY A 183 -0.57 -9.33 -3.37
CA GLY A 183 -1.30 -8.10 -3.60
C GLY A 183 -2.79 -8.29 -3.74
N ALA A 184 -3.31 -9.44 -3.33
CA ALA A 184 -4.74 -9.71 -3.32
C ALA A 184 -4.99 -10.83 -2.33
N TYR A 185 -6.26 -11.03 -2.01
CA TYR A 185 -6.71 -12.01 -1.05
C TYR A 185 -7.51 -13.10 -1.74
N ALA A 186 -7.30 -14.35 -1.34
CA ALA A 186 -8.19 -15.41 -1.78
C ALA A 186 -9.63 -15.04 -1.43
N PRO A 187 -10.60 -15.32 -2.29
CA PRO A 187 -10.53 -16.18 -3.48
C PRO A 187 -10.13 -15.52 -4.79
N SER A 188 -9.42 -14.39 -4.78
CA SER A 188 -8.92 -13.82 -6.02
C SER A 188 -8.16 -14.87 -6.81
N ASP A 189 -8.36 -14.86 -8.14
CA ASP A 189 -7.53 -15.66 -9.03
C ASP A 189 -6.05 -15.41 -8.82
N ARG A 190 -5.69 -14.19 -8.38
CA ARG A 190 -4.28 -13.83 -8.33
C ARG A 190 -3.50 -14.71 -7.36
N ASN A 191 -4.17 -15.20 -6.31
CA ASN A 191 -3.45 -15.96 -5.29
C ASN A 191 -2.97 -17.31 -5.81
N PHE A 192 -3.87 -18.07 -6.45
CA PHE A 192 -3.45 -19.33 -7.05
C PHE A 192 -2.49 -19.11 -8.21
N GLU A 193 -2.70 -18.05 -9.00
CA GLU A 193 -1.79 -17.75 -10.10
C GLU A 193 -0.38 -17.47 -9.57
N TYR A 194 -0.28 -16.77 -8.46
CA TYR A 194 1.02 -16.45 -7.89
C TYR A 194 1.71 -17.71 -7.39
N MET A 195 0.98 -18.55 -6.64
CA MET A 195 1.54 -19.83 -6.23
C MET A 195 2.00 -20.64 -7.44
N ASN A 196 1.13 -20.78 -8.45
CA ASN A 196 1.49 -21.56 -9.63
C ASN A 196 2.71 -21.01 -10.32
N GLY A 197 2.92 -19.69 -10.25
CA GLY A 197 4.08 -19.07 -10.86
C GLY A 197 5.37 -19.26 -10.10
N HIS A 198 5.31 -19.77 -8.87
CA HIS A 198 6.51 -19.97 -8.08
C HIS A 198 6.81 -21.41 -7.72
N ILE A 199 5.83 -22.32 -7.82
CA ILE A 199 6.09 -23.68 -7.37
C ILE A 199 7.15 -24.39 -8.19
N GLY A 200 7.43 -23.92 -9.43
CA GLY A 200 8.51 -24.48 -10.21
C GLY A 200 9.86 -24.34 -9.54
N ASP A 201 10.04 -23.29 -8.74
CA ASP A 201 11.26 -23.12 -7.97
C ASP A 201 11.43 -24.19 -6.90
N LEU A 202 10.35 -24.89 -6.55
CA LEU A 202 10.40 -26.01 -5.63
C LEU A 202 10.45 -27.34 -6.36
N GLY A 203 10.55 -27.31 -7.69
CA GLY A 203 10.57 -28.52 -8.48
C GLY A 203 9.20 -29.14 -8.65
N LEU A 204 8.13 -28.37 -8.49
CA LEU A 204 6.78 -28.88 -8.52
C LEU A 204 5.98 -28.29 -9.66
N GLU A 205 5.00 -29.05 -10.12
CA GLU A 205 3.98 -28.62 -11.06
C GLU A 205 2.63 -28.67 -10.34
N PRO A 206 1.61 -27.97 -10.85
CA PRO A 206 0.33 -27.92 -10.12
C PRO A 206 -0.25 -29.29 -9.80
N GLY A 207 -0.09 -30.26 -10.69
CA GLY A 207 -0.62 -31.60 -10.45
C GLY A 207 0.06 -32.37 -9.35
N ASP A 208 1.20 -31.89 -8.86
CA ASP A 208 1.91 -32.52 -7.75
C ASP A 208 1.36 -32.13 -6.39
N ILE A 209 0.43 -31.18 -6.32
CA ILE A 209 0.06 -30.53 -5.07
C ILE A 209 -1.39 -30.84 -4.73
N LEU A 210 -1.63 -31.20 -3.47
CA LEU A 210 -2.96 -31.38 -2.93
C LEU A 210 -3.28 -30.17 -2.05
N HIS A 211 -4.27 -29.39 -2.46
CA HIS A 211 -4.61 -28.19 -1.71
C HIS A 211 -5.54 -28.56 -0.57
N THR A 212 -5.11 -28.27 0.66
CA THR A 212 -5.74 -28.74 1.88
C THR A 212 -6.25 -27.54 2.68
N ALA A 213 -7.56 -27.49 2.90
CA ALA A 213 -8.14 -26.24 3.37
C ALA A 213 -9.53 -26.49 3.93
N GLU A 214 -9.96 -25.57 4.77
CA GLU A 214 -11.26 -25.61 5.41
C GLU A 214 -12.34 -24.83 4.66
N SER A 215 -11.98 -23.79 3.90
CA SER A 215 -12.94 -22.81 3.42
C SER A 215 -13.38 -23.13 2.00
N LEU A 216 -14.67 -23.41 1.82
CA LEU A 216 -15.19 -23.58 0.47
C LEU A 216 -15.03 -22.30 -0.33
N PHE A 217 -15.33 -21.15 0.30
CA PHE A 217 -15.31 -19.87 -0.38
C PHE A 217 -13.89 -19.42 -0.72
N HIS A 218 -12.97 -19.49 0.25
CA HIS A 218 -11.64 -18.94 0.01
C HIS A 218 -10.74 -19.88 -0.79
N ASP A 219 -10.95 -21.19 -0.68
CA ASP A 219 -9.95 -22.17 -1.09
C ASP A 219 -10.50 -23.17 -2.10
N HIS A 220 -11.62 -23.81 -1.81
CA HIS A 220 -12.00 -24.93 -2.67
C HIS A 220 -12.62 -24.49 -3.97
N VAL A 221 -13.43 -23.43 -3.97
CA VAL A 221 -13.93 -22.89 -5.23
C VAL A 221 -12.77 -22.46 -6.13
N PRO A 222 -11.80 -21.65 -5.68
CA PRO A 222 -10.66 -21.35 -6.55
C PRO A 222 -9.81 -22.56 -6.89
N ALA A 223 -9.56 -23.46 -5.94
CA ALA A 223 -8.73 -24.62 -6.25
C ALA A 223 -9.31 -25.41 -7.41
N ARG A 224 -10.63 -25.63 -7.39
N ARG A 224 -10.63 -25.63 -7.39
CA ARG A 224 -11.25 -26.35 -8.50
CA ARG A 224 -11.26 -26.35 -8.51
C ARG A 224 -11.22 -25.53 -9.79
C ARG A 224 -11.21 -25.53 -9.79
N LYS A 225 -11.36 -24.20 -9.68
CA LYS A 225 -11.23 -23.36 -10.86
C LYS A 225 -9.86 -23.52 -11.51
N PHE A 226 -8.84 -23.71 -10.70
CA PHE A 226 -7.48 -23.89 -11.21
C PHE A 226 -7.11 -25.34 -11.47
N GLY A 227 -8.08 -26.26 -11.41
CA GLY A 227 -7.80 -27.65 -11.71
C GLY A 227 -6.93 -28.34 -10.70
N MET A 228 -6.94 -27.87 -9.46
N MET A 228 -6.91 -27.87 -9.44
CA MET A 228 -6.15 -28.47 -8.41
CA MET A 228 -6.04 -28.43 -8.42
C MET A 228 -6.90 -29.61 -7.76
C MET A 228 -6.80 -29.48 -7.60
N ALA A 229 -6.15 -30.62 -7.34
CA ALA A 229 -6.69 -31.62 -6.44
C ALA A 229 -6.85 -31.00 -5.06
N ASN A 230 -7.91 -31.39 -4.35
CA ASN A 230 -8.22 -30.69 -3.11
C ASN A 230 -8.69 -31.64 -2.01
N CYS A 231 -8.34 -31.26 -0.78
CA CYS A 231 -8.68 -31.99 0.42
C CYS A 231 -9.36 -31.01 1.38
N TRP A 232 -10.60 -31.31 1.74
CA TRP A 232 -11.39 -30.45 2.61
C TRP A 232 -11.18 -30.90 4.05
N ILE A 233 -10.57 -30.04 4.87
CA ILE A 233 -10.49 -30.26 6.30
C ILE A 233 -11.73 -29.59 6.90
N TYR A 234 -12.74 -30.39 7.17
CA TYR A 234 -14.08 -29.90 7.54
C TYR A 234 -14.11 -29.63 9.05
N ARG A 235 -13.39 -28.57 9.46
CA ARG A 235 -13.32 -28.21 10.87
C ARG A 235 -14.70 -27.97 11.48
N ARG A 236 -15.65 -27.48 10.69
CA ARG A 236 -16.99 -27.17 11.20
C ARG A 236 -17.98 -28.31 10.98
N HIS A 237 -17.48 -29.55 10.95
CA HIS A 237 -18.33 -30.71 10.68
C HIS A 237 -19.49 -30.82 11.67
N ALA A 238 -19.29 -30.36 12.90
CA ALA A 238 -20.32 -30.38 13.93
C ALA A 238 -20.86 -28.99 14.28
N GLN A 239 -20.68 -28.01 13.40
CA GLN A 239 -21.06 -26.64 13.68
C GLN A 239 -21.86 -26.07 12.51
N GLU A 240 -23.10 -25.67 12.79
CA GLU A 240 -24.02 -25.13 11.81
C GLU A 240 -23.41 -23.93 11.08
N GLY A 241 -23.47 -23.96 9.76
CA GLY A 241 -23.16 -22.79 8.98
C GLY A 241 -21.68 -22.64 8.66
N PHE A 242 -21.38 -21.51 8.05
CA PHE A 242 -20.06 -21.27 7.48
C PHE A 242 -19.11 -20.51 8.39
N GLY A 243 -19.57 -20.01 9.52
CA GLY A 243 -18.65 -19.42 10.48
C GLY A 243 -18.01 -18.17 9.91
N ALA A 244 -16.68 -18.13 9.94
CA ALA A 244 -15.95 -16.96 9.49
C ALA A 244 -15.72 -16.92 7.99
N THR A 245 -16.22 -17.89 7.23
CA THR A 245 -16.12 -17.87 5.77
C THR A 245 -17.47 -17.53 5.15
N MET A 246 -17.44 -16.92 3.98
CA MET A 246 -18.69 -16.60 3.29
C MET A 246 -19.30 -17.85 2.66
N THR A 247 -20.62 -17.84 2.53
CA THR A 247 -21.29 -18.85 1.73
C THR A 247 -20.76 -18.80 0.31
N PRO A 248 -20.31 -19.92 -0.25
CA PRO A 248 -19.78 -19.91 -1.62
C PRO A 248 -20.90 -19.88 -2.64
N SER A 249 -20.52 -19.56 -3.87
CA SER A 249 -21.49 -19.50 -4.97
C SER A 249 -22.13 -20.86 -5.21
N HIS A 250 -21.40 -21.93 -4.91
CA HIS A 250 -21.86 -23.30 -5.04
C HIS A 250 -20.93 -24.12 -4.17
N GLU A 251 -21.34 -25.34 -3.85
CA GLU A 251 -20.45 -26.25 -3.14
C GLU A 251 -19.57 -26.96 -4.15
N PRO A 252 -18.26 -26.73 -4.10
CA PRO A 252 -17.37 -27.35 -5.09
C PRO A 252 -17.08 -28.81 -4.75
N THR A 253 -16.60 -29.52 -5.76
CA THR A 253 -16.14 -30.88 -5.58
C THR A 253 -14.88 -30.90 -4.71
N TYR A 254 -14.69 -32.01 -4.00
CA TYR A 254 -13.47 -32.25 -3.24
C TYR A 254 -13.03 -33.70 -3.40
N ASP A 255 -11.73 -33.91 -3.50
CA ASP A 255 -11.20 -35.26 -3.72
C ASP A 255 -11.03 -36.04 -2.43
N PHE A 256 -10.80 -35.35 -1.31
CA PHE A 256 -10.70 -35.97 -0.01
C PHE A 256 -11.40 -35.05 0.99
N ARG A 257 -11.90 -35.63 2.08
CA ARG A 257 -12.45 -34.85 3.18
C ARG A 257 -12.15 -35.54 4.49
N PHE A 258 -11.73 -34.76 5.48
CA PHE A 258 -11.46 -35.25 6.81
C PHE A 258 -11.92 -34.20 7.80
N ASN A 259 -12.27 -34.63 9.02
CA ASN A 259 -12.77 -33.68 10.01
C ASN A 259 -11.66 -32.88 10.71
N SER A 260 -10.41 -33.27 10.54
CA SER A 260 -9.32 -32.64 11.28
C SER A 260 -8.01 -32.97 10.59
N MET A 261 -6.95 -32.24 10.97
CA MET A 261 -5.62 -32.60 10.51
C MET A 261 -5.18 -33.95 11.08
N ALA A 262 -5.59 -34.25 12.31
CA ALA A 262 -5.25 -35.55 12.88
C ALA A 262 -5.83 -36.68 12.04
N ASP A 263 -7.03 -36.48 11.49
CA ASP A 263 -7.64 -37.52 10.67
C ASP A 263 -6.99 -37.64 9.30
N LEU A 264 -6.51 -36.52 8.75
CA LEU A 264 -5.72 -36.59 7.54
C LEU A 264 -4.48 -37.45 7.76
N VAL A 265 -3.78 -37.26 8.88
CA VAL A 265 -2.58 -38.04 9.16
C VAL A 265 -2.94 -39.52 9.32
N LYS A 266 -4.00 -39.81 10.06
CA LYS A 266 -4.42 -41.20 10.21
C LYS A 266 -4.71 -41.85 8.87
N ALA A 267 -5.30 -41.09 7.93
CA ALA A 267 -5.62 -41.67 6.63
C ALA A 267 -4.35 -41.95 5.85
N HIS A 268 -3.34 -41.10 5.99
CA HIS A 268 -2.07 -41.34 5.34
C HIS A 268 -1.42 -42.59 5.92
N GLN A 269 -1.44 -42.71 7.25
CA GLN A 269 -0.92 -43.90 7.91
C GLN A 269 -1.63 -45.14 7.43
N GLU A 270 -2.96 -45.07 7.28
CA GLU A 270 -3.73 -46.23 6.83
C GLU A 270 -3.35 -46.62 5.41
N GLU A 271 -3.12 -45.62 4.55
CA GLU A 271 -2.70 -45.88 3.18
C GLU A 271 -1.38 -46.63 3.15
N LEU A 272 -0.41 -46.21 3.98
CA LEU A 272 0.88 -46.89 4.01
C LEU A 272 0.75 -48.29 4.58
N ARG A 273 -0.13 -48.48 5.56
CA ARG A 273 -0.25 -49.76 6.24
C ARG A 273 -0.90 -50.79 5.32
N ASN A 274 -1.89 -50.37 4.55
CA ASN A 274 -2.71 -51.30 3.80
C ASN A 274 -2.51 -51.22 2.29
N GLY A 275 -1.65 -50.32 1.82
CA GLY A 275 -1.37 -50.21 0.41
C GLY A 275 -0.36 -51.22 -0.12
N MET B 35 -37.64 22.68 1.15
CA MET B 35 -36.49 21.87 1.58
C MET B 35 -36.06 22.23 3.01
N ARG B 36 -36.13 21.23 3.90
CA ARG B 36 -35.90 21.43 5.32
C ARG B 36 -34.70 20.62 5.79
N LEU B 37 -33.87 21.24 6.62
CA LEU B 37 -32.77 20.52 7.25
C LEU B 37 -33.27 19.32 8.06
N GLY B 38 -34.43 19.48 8.70
CA GLY B 38 -34.99 18.41 9.49
C GLY B 38 -35.53 17.24 8.69
N ASP B 39 -35.53 17.32 7.37
CA ASP B 39 -35.98 16.22 6.51
C ASP B 39 -34.97 15.08 6.44
N TYR B 40 -33.83 15.18 7.12
CA TYR B 40 -32.77 14.21 6.95
C TYR B 40 -32.51 13.49 8.26
N LYS B 41 -32.20 12.20 8.16
CA LYS B 41 -31.86 11.40 9.33
C LYS B 41 -30.39 11.48 9.68
N ALA B 42 -29.55 11.92 8.76
CA ALA B 42 -28.12 11.92 9.00
C ALA B 42 -27.46 13.03 8.18
N LEU B 43 -26.34 13.50 8.71
CA LEU B 43 -25.46 14.41 8.01
C LEU B 43 -24.16 13.68 7.78
N SER B 44 -23.66 13.70 6.54
CA SER B 44 -22.30 13.28 6.26
C SER B 44 -21.44 14.53 6.08
N PHE B 45 -20.22 14.47 6.57
CA PHE B 45 -19.34 15.63 6.54
C PHE B 45 -18.02 15.28 5.92
N ASP B 46 -17.57 16.14 5.12
CA ASP B 46 -16.11 16.26 4.91
C ASP B 46 -15.43 16.73 6.21
N CYS B 47 -14.26 16.41 6.45
CA CYS B 47 -13.55 16.93 7.61
C CYS B 47 -12.63 18.11 7.25
N TYR B 48 -11.63 17.87 6.41
CA TYR B 48 -10.53 18.81 6.23
C TYR B 48 -10.93 19.93 5.29
N GLY B 49 -11.22 21.11 5.87
CA GLY B 49 -11.76 22.25 5.17
C GLY B 49 -13.17 22.61 5.61
N THR B 50 -13.89 21.67 6.20
CA THR B 50 -15.24 21.89 6.68
C THR B 50 -15.27 21.97 8.20
N LEU B 51 -14.75 20.95 8.87
CA LEU B 51 -14.69 20.87 10.33
C LEU B 51 -13.32 21.22 10.87
N ILE B 52 -12.28 20.70 10.24
CA ILE B 52 -10.90 21.02 10.57
C ILE B 52 -10.42 22.09 9.60
N ASP B 53 -9.78 23.13 10.14
CA ASP B 53 -9.23 24.20 9.31
C ASP B 53 -7.90 23.73 8.71
N TRP B 54 -8.00 22.91 7.65
CA TRP B 54 -6.79 22.39 7.03
C TRP B 54 -5.98 23.47 6.32
N GLU B 55 -6.59 24.58 5.95
CA GLU B 55 -5.80 25.62 5.30
C GLU B 55 -4.84 26.28 6.30
N SER B 56 -5.33 26.62 7.49
CA SER B 56 -4.44 27.12 8.51
C SER B 56 -3.45 26.03 8.94
N GLY B 57 -3.92 24.78 9.01
CA GLY B 57 -3.04 23.70 9.43
C GLY B 57 -1.87 23.50 8.48
N MET B 58 -2.15 23.44 7.18
CA MET B 58 -1.07 23.22 6.23
C MET B 58 -0.17 24.43 6.09
N ILE B 59 -0.73 25.65 6.17
CA ILE B 59 0.13 26.84 6.16
C ILE B 59 1.15 26.75 7.28
N GLU B 60 0.71 26.35 8.47
CA GLU B 60 1.66 26.20 9.58
C GLU B 60 2.62 25.04 9.35
N GLY B 61 2.12 23.91 8.84
CA GLY B 61 3.00 22.78 8.57
C GLY B 61 4.05 23.08 7.51
N LEU B 62 3.74 24.00 6.59
CA LEU B 62 4.66 24.36 5.52
C LEU B 62 5.47 25.61 5.82
N ARG B 63 5.31 26.20 7.02
CA ARG B 63 5.86 27.53 7.29
C ARG B 63 7.38 27.57 7.14
N GLU B 64 8.09 26.54 7.64
CA GLU B 64 9.53 26.56 7.51
C GLU B 64 9.97 26.43 6.05
N LEU B 65 9.23 25.66 5.26
CA LEU B 65 9.54 25.51 3.85
C LEU B 65 9.28 26.82 3.10
N THR B 66 8.10 27.41 3.28
CA THR B 66 7.77 28.62 2.54
C THR B 66 8.65 29.79 2.96
N ALA B 67 9.11 29.82 4.22
CA ALA B 67 10.04 30.86 4.64
C ALA B 67 11.34 30.81 3.83
N ARG B 68 11.75 29.62 3.37
CA ARG B 68 12.91 29.52 2.51
C ARG B 68 12.66 30.15 1.14
N VAL B 69 11.43 30.07 0.66
CA VAL B 69 11.07 30.75 -0.57
C VAL B 69 11.04 32.26 -0.36
N GLY B 70 10.35 32.69 0.68
CA GLY B 70 10.21 34.12 0.97
C GLY B 70 8.79 34.39 1.44
N THR B 71 8.66 35.31 2.39
CA THR B 71 7.36 35.63 2.96
C THR B 71 6.47 36.44 2.02
N ASP B 72 6.99 36.87 0.86
CA ASP B 72 6.15 37.54 -0.11
C ASP B 72 5.15 36.59 -0.76
N MET B 73 5.47 35.29 -0.82
CA MET B 73 4.56 34.34 -1.43
C MET B 73 3.29 34.24 -0.59
N SER B 74 2.15 34.49 -1.23
CA SER B 74 0.90 34.65 -0.50
C SER B 74 0.33 33.31 -0.07
N ARG B 75 -0.57 33.41 0.92
CA ARG B 75 -1.30 32.24 1.41
C ARG B 75 -2.00 31.52 0.27
N ASP B 76 -2.67 32.27 -0.62
CA ASP B 76 -3.43 31.65 -1.70
C ASP B 76 -2.52 30.92 -2.68
N GLU B 77 -1.34 31.48 -2.94
CA GLU B 77 -0.39 30.81 -3.83
C GLU B 77 0.08 29.50 -3.21
N ILE B 78 0.38 29.52 -1.92
CA ILE B 78 0.80 28.27 -1.24
C ILE B 78 -0.33 27.25 -1.28
N LEU B 79 -1.53 27.66 -0.91
CA LEU B 79 -2.65 26.70 -0.83
C LEU B 79 -2.94 26.10 -2.19
N GLN B 80 -2.94 26.92 -3.24
CA GLN B 80 -3.26 26.41 -4.57
C GLN B 80 -2.14 25.52 -5.11
N ALA B 81 -0.90 25.83 -4.76
CA ALA B 81 0.21 24.95 -5.14
C ALA B 81 0.09 23.61 -4.46
N HIS B 82 -0.26 23.61 -3.17
CA HIS B 82 -0.54 22.37 -2.45
C HIS B 82 -1.71 21.62 -3.09
N ALA B 83 -2.78 22.34 -3.44
CA ALA B 83 -3.94 21.69 -4.03
C ALA B 83 -3.56 20.93 -5.30
N ARG B 84 -2.71 21.54 -6.12
CA ARG B 84 -2.29 20.92 -7.36
C ARG B 84 -1.50 19.64 -7.09
N HIS B 85 -0.53 19.72 -6.19
CA HIS B 85 0.30 18.54 -5.95
C HIS B 85 -0.45 17.47 -5.16
N GLU B 86 -1.29 17.89 -4.22
CA GLU B 86 -2.03 16.89 -3.44
C GLU B 86 -3.02 16.12 -4.31
N SER B 87 -3.82 16.84 -5.10
CA SER B 87 -4.82 16.17 -5.94
C SER B 87 -4.15 15.24 -6.94
N ARG B 88 -3.05 15.69 -7.56
CA ARG B 88 -2.38 14.85 -8.53
C ARG B 88 -1.79 13.62 -7.87
N GLN B 89 -1.20 13.77 -6.68
CA GLN B 89 -0.59 12.61 -6.03
C GLN B 89 -1.65 11.64 -5.52
N GLN B 90 -2.80 12.16 -5.09
CA GLN B 90 -3.91 11.31 -4.68
C GLN B 90 -4.42 10.48 -5.86
N ALA B 91 -4.38 11.03 -7.07
CA ALA B 91 -4.71 10.24 -8.26
C ALA B 91 -3.60 9.24 -8.59
N GLN B 92 -2.34 9.62 -8.37
CA GLN B 92 -1.22 8.77 -8.75
C GLN B 92 -1.13 7.53 -7.87
N THR B 93 -1.23 7.71 -6.55
CA THR B 93 -1.10 6.64 -5.56
C THR B 93 -2.33 6.65 -4.66
N PRO B 94 -3.47 6.16 -5.18
CA PRO B 94 -4.74 6.28 -4.43
C PRO B 94 -4.80 5.47 -3.16
N GLY B 95 -4.02 4.41 -3.05
CA GLY B 95 -3.99 3.57 -1.87
C GLY B 95 -2.99 3.98 -0.82
N LYS B 96 -2.26 5.08 -1.04
CA LYS B 96 -1.23 5.46 -0.08
C LYS B 96 -1.88 6.21 1.08
N PRO B 97 -1.61 5.83 2.33
CA PRO B 97 -2.21 6.54 3.47
C PRO B 97 -1.87 8.03 3.42
N TYR B 98 -2.83 8.86 3.81
CA TYR B 98 -2.64 10.31 3.73
C TYR B 98 -1.35 10.76 4.42
N ARG B 99 -1.08 10.20 5.60
CA ARG B 99 0.12 10.56 6.36
C ARG B 99 1.41 10.23 5.61
N ASP B 100 1.37 9.30 4.67
CA ASP B 100 2.52 8.96 3.83
C ASP B 100 2.47 9.63 2.47
N LEU B 101 1.31 10.19 2.10
CA LEU B 101 1.16 10.92 0.84
C LEU B 101 1.60 12.37 0.95
N LEU B 102 1.22 13.05 2.04
CA LEU B 102 1.65 14.42 2.23
C LEU B 102 3.16 14.61 2.25
N PRO B 103 3.98 13.67 2.74
CA PRO B 103 5.43 13.84 2.59
C PRO B 103 5.86 13.97 1.15
N ILE B 104 5.16 13.32 0.23
CA ILE B 104 5.49 13.45 -1.19
C ILE B 104 5.06 14.80 -1.71
N VAL B 105 3.92 15.30 -1.22
CA VAL B 105 3.46 16.64 -1.60
C VAL B 105 4.47 17.69 -1.15
N TYR B 106 4.96 17.58 0.08
CA TYR B 106 6.00 18.49 0.57
C TYR B 106 7.22 18.46 -0.34
N LYS B 107 7.66 17.26 -0.73
CA LYS B 107 8.81 17.17 -1.62
C LYS B 107 8.52 17.84 -2.96
N ARG B 108 7.34 17.59 -3.52
CA ARG B 108 7.02 18.19 -4.83
C ARG B 108 7.02 19.71 -4.74
N LEU B 109 6.51 20.25 -3.64
CA LEU B 109 6.50 21.70 -3.44
C LEU B 109 7.92 22.24 -3.29
N ALA B 110 8.72 21.62 -2.43
CA ALA B 110 10.08 22.11 -2.22
C ALA B 110 10.86 22.11 -3.52
N GLU B 111 10.67 21.07 -4.34
CA GLU B 111 11.40 20.99 -5.60
C GLU B 111 10.90 22.03 -6.59
N GLN B 112 9.58 22.25 -6.64
CA GLN B 112 9.02 23.27 -7.51
C GLN B 112 9.54 24.66 -7.13
N TRP B 113 9.74 24.89 -5.84
CA TRP B 113 10.24 26.19 -5.38
C TRP B 113 11.76 26.27 -5.38
N GLY B 114 12.45 25.15 -5.65
CA GLY B 114 13.89 25.18 -5.77
C GLY B 114 14.65 25.33 -4.47
N VAL B 115 14.05 24.97 -3.34
CA VAL B 115 14.70 25.21 -2.06
C VAL B 115 15.16 23.88 -1.47
N PRO B 116 16.24 23.89 -0.68
CA PRO B 116 16.67 22.65 -0.02
C PRO B 116 15.63 22.18 0.98
N PHE B 117 15.63 20.87 1.21
CA PHE B 117 14.71 20.24 2.15
C PHE B 117 15.26 18.86 2.46
N SER B 118 14.62 18.18 3.41
CA SER B 118 15.03 16.84 3.77
C SER B 118 13.84 15.90 3.79
N GLN B 119 14.13 14.61 3.65
CA GLN B 119 13.09 13.60 3.80
C GLN B 119 12.49 13.63 5.20
N ALA B 120 13.31 13.91 6.22
CA ALA B 120 12.78 14.03 7.58
C ALA B 120 11.72 15.12 7.66
N GLU B 121 11.97 16.26 6.99
CA GLU B 121 10.97 17.33 6.96
C GLU B 121 9.69 16.87 6.27
N CYS B 122 9.83 16.09 5.20
CA CYS B 122 8.66 15.56 4.50
C CYS B 122 7.82 14.71 5.42
N GLU B 123 8.46 13.79 6.14
CA GLU B 123 7.71 12.89 7.01
C GLU B 123 7.06 13.66 8.16
N GLU B 124 7.77 14.64 8.71
CA GLU B 124 7.19 15.46 9.76
C GLU B 124 5.96 16.22 9.26
N TYR B 125 5.98 16.71 8.01
CA TYR B 125 4.80 17.35 7.46
C TYR B 125 3.61 16.40 7.41
N GLY B 126 3.84 15.15 7.04
CA GLY B 126 2.76 14.18 7.05
C GLY B 126 2.18 13.95 8.42
N ARG B 127 3.01 14.04 9.47
CA ARG B 127 2.51 13.91 10.84
C ARG B 127 1.78 15.16 11.30
N SER B 128 1.96 16.29 10.62
CA SER B 128 1.39 17.55 11.08
C SER B 128 -0.12 17.58 11.02
N VAL B 129 -0.74 16.69 10.23
CA VAL B 129 -2.20 16.67 10.12
C VAL B 129 -2.83 16.48 11.48
N ARG B 130 -2.18 15.68 12.34
CA ARG B 130 -2.69 15.42 13.67
C ARG B 130 -2.92 16.70 14.46
N ASN B 131 -2.26 17.79 14.07
CA ASN B 131 -2.30 19.05 14.79
C ASN B 131 -3.02 20.15 14.04
N TRP B 132 -3.58 19.86 12.89
CA TRP B 132 -4.37 20.86 12.18
C TRP B 132 -5.60 21.23 13.02
N PRO B 133 -5.87 22.51 13.22
CA PRO B 133 -6.85 22.92 14.23
C PRO B 133 -8.28 22.83 13.73
N ALA B 134 -9.20 22.54 14.65
CA ALA B 134 -10.61 22.67 14.33
C ALA B 134 -10.97 24.14 14.13
N PHE B 135 -11.87 24.39 13.19
CA PHE B 135 -12.60 25.66 13.23
C PHE B 135 -13.23 25.77 14.61
N VAL B 136 -13.24 27.00 15.15
N VAL B 136 -13.25 26.99 15.15
CA VAL B 136 -13.68 27.21 16.52
CA VAL B 136 -13.67 27.17 16.53
C VAL B 136 -15.13 26.76 16.72
C VAL B 136 -15.14 26.77 16.73
N ASP B 137 -15.96 26.90 15.69
CA ASP B 137 -17.37 26.55 15.83
C ASP B 137 -17.65 25.06 15.66
N SER B 138 -16.69 24.27 15.17
CA SER B 138 -17.01 22.89 14.81
CA SER B 138 -16.99 22.89 14.82
C SER B 138 -17.40 22.02 16.00
N PRO B 139 -16.66 21.99 17.11
CA PRO B 139 -17.05 21.05 18.18
C PRO B 139 -18.43 21.32 18.76
N GLY B 140 -18.75 22.58 19.07
CA GLY B 140 -20.09 22.87 19.56
C GLY B 140 -21.18 22.54 18.55
N ALA B 141 -20.93 22.85 17.27
CA ALA B 141 -21.93 22.55 16.24
C ALA B 141 -22.17 21.05 16.13
N LEU B 142 -21.10 20.26 16.13
CA LEU B 142 -21.27 18.82 16.04
C LEU B 142 -22.01 18.26 17.25
N GLN B 143 -21.72 18.78 18.44
CA GLN B 143 -22.39 18.29 19.64
C GLN B 143 -23.89 18.60 19.60
N TYR B 144 -24.25 19.77 19.06
CA TYR B 144 -25.66 20.08 18.83
C TYR B 144 -26.28 19.10 17.84
N LEU B 145 -25.64 18.94 16.67
CA LEU B 145 -26.25 18.15 15.60
C LEU B 145 -26.36 16.67 15.96
N LYS B 146 -25.48 16.18 16.83
CA LYS B 146 -25.54 14.79 17.27
C LYS B 146 -26.86 14.50 17.95
N LYS B 147 -27.48 15.51 18.57
CA LYS B 147 -28.77 15.28 19.21
C LYS B 147 -29.87 14.95 18.20
N TYR B 148 -29.72 15.38 16.95
CA TYR B 148 -30.78 15.27 15.96
C TYR B 148 -30.46 14.41 14.76
N TYR B 149 -29.20 14.07 14.53
CA TYR B 149 -28.77 13.37 13.32
C TYR B 149 -27.72 12.33 13.69
N LYS B 150 -27.73 11.21 12.97
CA LYS B 150 -26.51 10.42 12.91
C LYS B 150 -25.46 11.22 12.14
N LEU B 151 -24.20 11.10 12.56
CA LEU B 151 -23.12 11.91 12.00
C LEU B 151 -22.11 10.98 11.36
N ILE B 152 -21.82 11.23 10.09
CA ILE B 152 -20.95 10.41 9.26
C ILE B 152 -19.81 11.28 8.77
N ILE B 153 -18.61 10.72 8.72
CA ILE B 153 -17.45 11.38 8.14
C ILE B 153 -17.10 10.69 6.82
N LEU B 154 -16.85 11.49 5.79
CA LEU B 154 -16.27 11.03 4.52
C LEU B 154 -15.06 11.91 4.29
N SER B 155 -13.87 11.35 4.41
CA SER B 155 -12.68 12.21 4.50
C SER B 155 -11.47 11.61 3.81
N ASN B 156 -10.68 12.49 3.18
CA ASN B 156 -9.39 12.14 2.58
C ASN B 156 -8.34 12.14 3.68
N VAL B 157 -8.19 11.00 4.33
CA VAL B 157 -7.35 10.89 5.51
C VAL B 157 -7.12 9.40 5.76
N ASP B 158 -6.12 9.08 6.57
CA ASP B 158 -5.96 7.73 7.08
C ASP B 158 -6.55 7.66 8.50
N ASN B 159 -6.94 6.46 8.90
CA ASN B 159 -7.68 6.30 10.15
C ASN B 159 -6.85 6.66 11.37
N LYS B 160 -5.55 6.33 11.35
CA LYS B 160 -4.69 6.65 12.49
C LYS B 160 -4.62 8.16 12.71
N THR B 161 -4.52 8.91 11.61
CA THR B 161 -4.45 10.36 11.71
C THR B 161 -5.78 10.94 12.15
N PHE B 162 -6.88 10.41 11.58
CA PHE B 162 -8.17 11.02 11.85
C PHE B 162 -8.55 10.98 13.33
N GLN B 163 -8.10 9.96 14.06
CA GLN B 163 -8.44 9.90 15.48
C GLN B 163 -8.01 11.16 16.21
N TYR B 164 -6.90 11.79 15.78
CA TYR B 164 -6.44 13.01 16.43
C TYR B 164 -7.36 14.18 16.08
N SER B 165 -7.83 14.25 14.83
CA SER B 165 -8.81 15.26 14.49
C SER B 165 -10.12 15.00 15.21
N ASN B 166 -10.52 13.74 15.32
CA ASN B 166 -11.73 13.40 16.04
C ASN B 166 -11.66 13.88 17.48
N GLU B 167 -10.46 13.80 18.10
CA GLU B 167 -10.29 14.27 19.47
C GLU B 167 -10.54 15.76 19.57
N LYS B 168 -10.07 16.53 18.59
CA LYS B 168 -10.33 17.96 18.59
C LYS B 168 -11.79 18.27 18.40
N LEU B 169 -12.53 17.40 17.71
CA LEU B 169 -13.93 17.67 17.40
C LEU B 169 -14.87 17.31 18.55
N GLN B 170 -14.45 16.40 19.44
CA GLN B 170 -15.17 16.10 20.68
C GLN B 170 -16.62 15.68 20.42
N VAL B 171 -16.77 14.68 19.55
CA VAL B 171 -18.06 14.05 19.27
C VAL B 171 -17.77 12.65 18.77
N GLU B 172 -18.74 11.77 18.91
CA GLU B 172 -18.64 10.43 18.37
C GLU B 172 -19.37 10.35 17.05
N PHE B 173 -18.67 9.86 16.04
CA PHE B 173 -19.28 9.73 14.72
C PHE B 173 -19.91 8.35 14.58
N ASP B 174 -21.11 8.33 14.00
CA ASP B 174 -21.80 7.07 13.77
C ASP B 174 -21.07 6.22 12.73
N ALA B 175 -20.35 6.85 11.81
CA ALA B 175 -19.50 6.11 10.87
C ALA B 175 -18.40 7.03 10.36
N ILE B 176 -17.22 6.45 10.13
CA ILE B 176 -16.08 7.17 9.54
C ILE B 176 -15.67 6.40 8.30
N TYR B 177 -15.88 6.99 7.11
CA TYR B 177 -15.51 6.40 5.83
C TYR B 177 -14.32 7.17 5.28
N SER B 178 -13.13 6.63 5.46
CA SER B 178 -11.91 7.33 5.09
C SER B 178 -11.37 6.84 3.74
N ALA B 179 -10.52 7.69 3.15
CA ALA B 179 -9.80 7.28 1.95
C ALA B 179 -8.99 6.01 2.18
N GLU B 180 -8.49 5.81 3.40
CA GLU B 180 -7.81 4.54 3.68
C GLU B 180 -8.77 3.36 3.54
N ASP B 181 -9.98 3.48 4.08
CA ASP B 181 -10.98 2.41 3.93
C ASP B 181 -11.30 2.17 2.46
N VAL B 182 -11.33 3.24 1.68
CA VAL B 182 -11.84 3.17 0.31
C VAL B 182 -10.77 2.65 -0.64
N GLY B 183 -9.51 3.00 -0.38
CA GLY B 183 -8.46 2.80 -1.36
C GLY B 183 -8.41 3.86 -2.43
N ALA B 184 -9.10 4.98 -2.25
CA ALA B 184 -9.04 6.09 -3.20
C ALA B 184 -9.42 7.35 -2.44
N TYR B 185 -9.14 8.48 -3.07
CA TYR B 185 -9.40 9.80 -2.52
C TYR B 185 -10.52 10.48 -3.29
N ALA B 186 -11.40 11.16 -2.55
CA ALA B 186 -12.37 12.03 -3.20
C ALA B 186 -11.60 13.03 -4.07
N PRO B 187 -12.11 13.36 -5.27
CA PRO B 187 -13.46 13.09 -5.78
C PRO B 187 -13.65 11.78 -6.54
N SER B 188 -12.82 10.76 -6.32
CA SER B 188 -13.06 9.46 -6.93
C SER B 188 -14.50 8.99 -6.65
N ASP B 189 -15.11 8.40 -7.67
CA ASP B 189 -16.41 7.74 -7.48
C ASP B 189 -16.35 6.72 -6.36
N ARG B 190 -15.18 6.14 -6.10
CA ARG B 190 -15.12 5.03 -5.17
C ARG B 190 -15.49 5.46 -3.76
N ASN B 191 -15.25 6.72 -3.40
CA ASN B 191 -15.48 7.14 -2.03
C ASN B 191 -16.98 7.18 -1.70
N PHE B 192 -17.78 7.79 -2.57
CA PHE B 192 -19.22 7.80 -2.37
C PHE B 192 -19.82 6.42 -2.55
N GLU B 193 -19.29 5.62 -3.48
N GLU B 193 -19.30 5.62 -3.48
CA GLU B 193 -19.76 4.26 -3.64
CA GLU B 193 -19.78 4.25 -3.63
C GLU B 193 -19.52 3.43 -2.38
C GLU B 193 -19.54 3.45 -2.35
N TYR B 194 -18.37 3.64 -1.73
CA TYR B 194 -18.06 2.89 -0.51
C TYR B 194 -19.00 3.30 0.62
N MET B 195 -19.21 4.60 0.79
CA MET B 195 -20.15 5.06 1.80
C MET B 195 -21.54 4.50 1.54
N ASN B 196 -22.02 4.62 0.31
CA ASN B 196 -23.36 4.15 0.01
C ASN B 196 -23.50 2.64 0.19
N GLY B 197 -22.40 1.90 0.08
CA GLY B 197 -22.43 0.47 0.32
C GLY B 197 -22.40 0.06 1.79
N HIS B 198 -22.20 1.01 2.70
CA HIS B 198 -22.17 0.70 4.11
C HIS B 198 -23.22 1.40 4.94
N ILE B 199 -23.85 2.47 4.43
CA ILE B 199 -24.82 3.22 5.25
C ILE B 199 -26.04 2.37 5.61
N GLY B 200 -26.32 1.32 4.84
CA GLY B 200 -27.39 0.41 5.22
C GLY B 200 -27.17 -0.24 6.57
N ASP B 201 -25.91 -0.46 6.95
CA ASP B 201 -25.60 -0.97 8.28
C ASP B 201 -25.99 0.00 9.37
N LEU B 202 -26.23 1.26 9.01
CA LEU B 202 -26.69 2.27 9.94
C LEU B 202 -28.19 2.48 9.85
N GLY B 203 -28.88 1.66 9.07
CA GLY B 203 -30.30 1.84 8.84
C GLY B 203 -30.65 2.99 7.93
N LEU B 204 -29.73 3.41 7.08
CA LEU B 204 -29.91 4.60 6.25
C LEU B 204 -29.85 4.24 4.77
N GLU B 205 -30.62 4.97 3.98
CA GLU B 205 -30.45 4.96 2.54
C GLU B 205 -29.95 6.32 2.07
N PRO B 206 -29.42 6.42 0.85
CA PRO B 206 -28.76 7.68 0.45
C PRO B 206 -29.64 8.91 0.59
N GLY B 207 -30.94 8.80 0.33
CA GLY B 207 -31.83 9.96 0.45
C GLY B 207 -32.04 10.43 1.87
N ASP B 208 -31.58 9.68 2.87
CA ASP B 208 -31.68 10.08 4.25
C ASP B 208 -30.56 11.03 4.67
N ILE B 209 -29.55 11.25 3.82
CA ILE B 209 -28.31 11.90 4.22
C ILE B 209 -28.14 13.22 3.50
N LEU B 210 -27.75 14.24 4.24
CA LEU B 210 -27.40 15.55 3.70
C LEU B 210 -25.88 15.66 3.77
N HIS B 211 -25.24 15.74 2.61
CA HIS B 211 -23.78 15.78 2.59
C HIS B 211 -23.32 17.22 2.79
N THR B 212 -22.53 17.45 3.82
CA THR B 212 -22.19 18.78 4.32
C THR B 212 -20.69 18.98 4.18
N ALA B 213 -20.30 19.96 3.36
CA ALA B 213 -18.90 20.03 2.98
C ALA B 213 -18.55 21.41 2.44
N GLU B 214 -17.26 21.70 2.42
CA GLU B 214 -16.72 22.97 1.95
C GLU B 214 -16.26 22.95 0.50
N SER B 215 -15.85 21.80 -0.01
CA SER B 215 -15.10 21.71 -1.27
C SER B 215 -16.01 21.38 -2.44
N LEU B 216 -16.11 22.30 -3.41
CA LEU B 216 -16.84 21.96 -4.62
C LEU B 216 -16.18 20.80 -5.35
N PHE B 217 -14.85 20.81 -5.45
CA PHE B 217 -14.11 19.80 -6.21
C PHE B 217 -14.18 18.43 -5.54
N HIS B 218 -13.93 18.37 -4.22
CA HIS B 218 -13.82 17.07 -3.57
C HIS B 218 -15.17 16.48 -3.24
N ASP B 219 -16.17 17.31 -2.96
CA ASP B 219 -17.39 16.85 -2.32
C ASP B 219 -18.65 17.15 -3.10
N HIS B 220 -18.83 18.39 -3.56
CA HIS B 220 -20.13 18.74 -4.10
C HIS B 220 -20.34 18.23 -5.52
N VAL B 221 -19.30 18.27 -6.34
CA VAL B 221 -19.41 17.67 -7.67
C VAL B 221 -19.70 16.18 -7.57
N PRO B 222 -18.96 15.39 -6.78
CA PRO B 222 -19.36 13.99 -6.62
C PRO B 222 -20.70 13.80 -5.94
N ALA B 223 -21.03 14.60 -4.92
CA ALA B 223 -22.31 14.41 -4.24
C ALA B 223 -23.47 14.56 -5.23
N ARG B 224 -23.41 15.57 -6.10
CA ARG B 224 -24.45 15.74 -7.11
C ARG B 224 -24.42 14.61 -8.12
N LYS B 225 -23.23 14.13 -8.48
CA LYS B 225 -23.14 13.00 -9.40
C LYS B 225 -23.89 11.80 -8.83
N PHE B 226 -23.80 11.59 -7.53
CA PHE B 226 -24.44 10.48 -6.86
C PHE B 226 -25.87 10.78 -6.40
N GLY B 227 -26.42 11.93 -6.79
CA GLY B 227 -27.79 12.24 -6.45
C GLY B 227 -28.02 12.55 -4.99
N MET B 228 -27.01 13.03 -4.29
N MET B 228 -27.01 13.03 -4.26
CA MET B 228 -27.13 13.34 -2.88
CA MET B 228 -27.11 13.25 -2.82
C MET B 228 -27.62 14.75 -2.68
C MET B 228 -27.43 14.71 -2.52
N ALA B 229 -28.39 14.94 -1.62
CA ALA B 229 -28.67 16.27 -1.14
C ALA B 229 -27.40 16.83 -0.52
N ASN B 230 -27.17 18.13 -0.70
CA ASN B 230 -25.89 18.68 -0.27
C ASN B 230 -26.04 20.05 0.37
N CYS B 231 -25.17 20.31 1.33
CA CYS B 231 -25.11 21.56 2.08
C CYS B 231 -23.69 22.09 1.96
N TRP B 232 -23.54 23.28 1.43
CA TRP B 232 -22.23 23.88 1.24
C TRP B 232 -21.91 24.74 2.45
N ILE B 233 -20.86 24.37 3.19
CA ILE B 233 -20.32 25.20 4.24
C ILE B 233 -19.24 26.04 3.59
N TYR B 234 -19.59 27.29 3.25
CA TYR B 234 -18.74 28.15 2.42
C TYR B 234 -17.75 28.85 3.35
N ARG B 235 -16.77 28.09 3.83
CA ARG B 235 -15.74 28.64 4.73
C ARG B 235 -14.99 29.81 4.10
N ARG B 236 -14.78 29.77 2.80
CA ARG B 236 -14.05 30.83 2.11
C ARG B 236 -14.97 31.92 1.55
N HIS B 237 -16.10 32.19 2.22
CA HIS B 237 -17.05 33.18 1.74
C HIS B 237 -16.41 34.56 1.58
N ALA B 238 -15.41 34.87 2.41
CA ALA B 238 -14.75 36.18 2.34
C ALA B 238 -13.29 36.06 1.92
N GLN B 239 -12.93 34.99 1.22
CA GLN B 239 -11.55 34.75 0.77
C GLN B 239 -11.58 34.31 -0.67
N GLU B 240 -10.98 35.11 -1.55
CA GLU B 240 -11.10 34.86 -2.98
C GLU B 240 -10.35 33.61 -3.38
N GLY B 241 -10.93 32.87 -4.31
CA GLY B 241 -10.30 31.67 -4.83
C GLY B 241 -10.63 30.43 -4.02
N PHE B 242 -10.08 29.32 -4.50
CA PHE B 242 -10.43 28.01 -3.98
C PHE B 242 -9.50 27.50 -2.89
N GLY B 243 -8.43 28.22 -2.57
CA GLY B 243 -7.60 27.84 -1.45
C GLY B 243 -6.94 26.50 -1.68
N ALA B 244 -7.09 25.59 -0.73
CA ALA B 244 -6.47 24.27 -0.81
C ALA B 244 -7.27 23.26 -1.63
N THR B 245 -8.37 23.67 -2.24
CA THR B 245 -9.11 22.79 -3.15
C THR B 245 -8.88 23.21 -4.59
N MET B 246 -8.95 22.25 -5.49
CA MET B 246 -8.82 22.54 -6.91
C MET B 246 -10.09 23.20 -7.45
N THR B 247 -9.91 24.02 -8.48
CA THR B 247 -11.07 24.54 -9.20
C THR B 247 -11.85 23.39 -9.80
N PRO B 248 -13.17 23.33 -9.61
CA PRO B 248 -13.96 22.22 -10.14
C PRO B 248 -14.24 22.40 -11.62
N SER B 249 -14.69 21.29 -12.24
CA SER B 249 -15.03 21.33 -13.67
C SER B 249 -16.16 22.30 -13.95
N HIS B 250 -17.01 22.53 -12.96
CA HIS B 250 -18.17 23.42 -13.03
C HIS B 250 -18.60 23.68 -11.59
N GLU B 251 -19.44 24.68 -11.40
CA GLU B 251 -19.97 24.93 -10.06
C GLU B 251 -21.24 24.10 -9.89
N PRO B 252 -21.27 23.11 -9.02
CA PRO B 252 -22.46 22.28 -8.87
C PRO B 252 -23.53 23.01 -8.07
N THR B 253 -24.76 22.52 -8.21
CA THR B 253 -25.82 23.08 -7.40
C THR B 253 -25.68 22.59 -5.97
N TYR B 254 -26.31 23.32 -5.07
CA TYR B 254 -26.34 22.97 -3.66
C TYR B 254 -27.74 23.25 -3.11
N ASP B 255 -28.19 22.39 -2.21
CA ASP B 255 -29.52 22.53 -1.64
C ASP B 255 -29.54 23.54 -0.49
N PHE B 256 -28.44 23.68 0.23
CA PHE B 256 -28.31 24.64 1.32
C PHE B 256 -26.92 25.23 1.28
N ARG B 257 -26.78 26.44 1.81
CA ARG B 257 -25.46 27.05 1.95
C ARG B 257 -25.39 27.89 3.23
N PHE B 258 -24.31 27.72 3.98
CA PHE B 258 -24.07 28.50 5.19
C PHE B 258 -22.60 28.86 5.23
N ASN B 259 -22.29 29.98 5.90
CA ASN B 259 -20.91 30.44 5.95
C ASN B 259 -20.08 29.70 6.98
N SER B 260 -20.71 28.95 7.89
CA SER B 260 -20.00 28.28 8.97
C SER B 260 -20.87 27.16 9.51
N MET B 261 -20.25 26.28 10.31
CA MET B 261 -21.03 25.28 11.04
C MET B 261 -21.94 25.94 12.06
N ALA B 262 -21.49 27.03 12.67
CA ALA B 262 -22.34 27.76 13.61
C ALA B 262 -23.63 28.22 12.95
N ASP B 263 -23.55 28.66 11.69
CA ASP B 263 -24.73 29.14 10.97
C ASP B 263 -25.65 28.00 10.57
N LEU B 264 -25.08 26.82 10.26
CA LEU B 264 -25.91 25.65 10.04
C LEU B 264 -26.76 25.34 11.26
N VAL B 265 -26.13 25.36 12.44
CA VAL B 265 -26.85 25.09 13.69
C VAL B 265 -27.94 26.13 13.92
N LYS B 266 -27.62 27.41 13.70
N LYS B 266 -27.62 27.41 13.70
CA LYS B 266 -28.62 28.45 13.90
CA LYS B 266 -28.63 28.45 13.90
C LYS B 266 -29.82 28.26 12.96
C LYS B 266 -29.82 28.25 12.96
N ALA B 267 -29.55 27.84 11.72
CA ALA B 267 -30.64 27.56 10.79
C ALA B 267 -31.48 26.39 11.28
N HIS B 268 -30.85 25.38 11.86
CA HIS B 268 -31.61 24.27 12.42
C HIS B 268 -32.48 24.74 13.58
N GLN B 269 -31.90 25.54 14.48
CA GLN B 269 -32.67 26.09 15.59
C GLN B 269 -33.84 26.92 15.07
N GLU B 270 -33.62 27.70 14.02
CA GLU B 270 -34.69 28.53 13.48
C GLU B 270 -35.81 27.70 12.89
N GLU B 271 -35.46 26.59 12.22
CA GLU B 271 -36.47 25.69 11.67
C GLU B 271 -37.35 25.14 12.78
N LEU B 272 -36.73 24.75 13.89
CA LEU B 272 -37.50 24.18 15.00
C LEU B 272 -38.37 25.24 15.66
N ARG B 273 -37.83 26.46 15.77
CA ARG B 273 -38.55 27.52 16.48
C ARG B 273 -39.74 28.01 15.67
N ASN B 274 -39.62 28.09 14.34
CA ASN B 274 -40.63 28.71 13.51
C ASN B 274 -41.35 27.74 12.58
N GLY B 275 -40.89 26.51 12.47
CA GLY B 275 -41.70 25.48 11.84
C GLY B 275 -42.70 24.99 12.87
N MET C 35 26.38 15.55 -31.16
CA MET C 35 25.77 15.42 -29.85
C MET C 35 26.79 15.68 -28.73
N ARG C 36 26.55 16.58 -27.77
CA ARG C 36 27.48 16.98 -26.74
C ARG C 36 26.82 17.08 -25.38
N LEU C 37 27.53 16.66 -24.51
CA LEU C 37 27.03 16.61 -23.13
C LEU C 37 26.55 17.96 -22.64
N GLY C 38 27.21 19.05 -23.08
CA GLY C 38 26.81 20.40 -22.75
C GLY C 38 25.51 20.93 -23.38
N ASP C 39 24.87 20.16 -24.24
CA ASP C 39 23.60 20.50 -24.85
C ASP C 39 22.41 20.24 -23.91
N TYR C 40 22.64 19.70 -22.73
CA TYR C 40 21.58 19.37 -21.80
C TYR C 40 21.61 20.27 -20.58
N LYS C 41 20.43 20.64 -20.08
CA LYS C 41 20.29 21.44 -18.86
C LYS C 41 20.28 20.58 -17.61
N ALA C 42 20.00 19.29 -17.73
CA ALA C 42 19.86 18.44 -16.57
C ALA C 42 20.25 17.02 -16.92
N LEU C 43 20.73 16.30 -15.93
CA LEU C 43 20.96 14.86 -16.01
C LEU C 43 19.97 14.19 -15.07
N SER C 44 19.27 13.18 -15.56
CA SER C 44 18.52 12.30 -14.68
C SER C 44 19.33 11.02 -14.50
N PHE C 45 19.32 10.48 -13.29
CA PHE C 45 20.12 9.31 -12.98
C PHE C 45 19.28 8.21 -12.39
N ASP C 46 19.50 7.08 -12.80
CA ASP C 46 19.20 5.90 -11.97
C ASP C 46 20.12 5.86 -10.74
N CYS C 47 19.76 5.39 -9.67
CA CYS C 47 20.66 5.30 -8.54
C CYS C 47 21.31 3.91 -8.40
N TYR C 48 20.50 2.87 -8.19
CA TYR C 48 21.00 1.56 -7.78
C TYR C 48 21.55 0.79 -8.97
N GLY C 49 22.87 0.74 -9.08
CA GLY C 49 23.58 0.19 -10.22
C GLY C 49 24.36 1.22 -10.99
N THR C 50 23.99 2.49 -10.88
CA THR C 50 24.67 3.60 -11.54
C THR C 50 25.54 4.39 -10.58
N LEU C 51 24.95 4.85 -9.48
CA LEU C 51 25.61 5.65 -8.47
C LEU C 51 25.91 4.86 -7.21
N ILE C 52 24.97 4.03 -6.78
CA ILE C 52 25.16 3.11 -5.66
C ILE C 52 25.48 1.74 -6.23
N ASP C 53 26.49 1.09 -5.66
CA ASP C 53 26.88 -0.25 -6.09
C ASP C 53 25.93 -1.26 -5.45
N TRP C 54 24.74 -1.39 -6.04
CA TRP C 54 23.76 -2.31 -5.45
C TRP C 54 24.13 -3.77 -5.64
N GLU C 55 24.97 -4.08 -6.63
CA GLU C 55 25.40 -5.47 -6.79
C GLU C 55 26.27 -5.90 -5.62
N SER C 56 27.27 -5.10 -5.25
CA SER C 56 28.04 -5.41 -4.05
C SER C 56 27.16 -5.36 -2.79
N GLY C 57 26.25 -4.37 -2.72
CA GLY C 57 25.41 -4.25 -1.53
C GLY C 57 24.51 -5.45 -1.34
N MET C 58 23.87 -5.91 -2.41
CA MET C 58 22.96 -7.05 -2.26
C MET C 58 23.73 -8.35 -2.05
N ILE C 59 24.91 -8.49 -2.64
CA ILE C 59 25.74 -9.67 -2.36
C ILE C 59 26.05 -9.75 -0.87
N GLU C 60 26.39 -8.61 -0.26
CA GLU C 60 26.65 -8.62 1.18
C GLU C 60 25.37 -8.85 1.97
N GLY C 61 24.26 -8.26 1.54
CA GLY C 61 23.00 -8.46 2.25
C GLY C 61 22.53 -9.91 2.20
N LEU C 62 22.86 -10.63 1.13
CA LEU C 62 22.47 -12.01 0.92
C LEU C 62 23.53 -13.01 1.37
N ARG C 63 24.66 -12.55 1.91
CA ARG C 63 25.80 -13.43 2.11
C ARG C 63 25.48 -14.59 3.04
N GLU C 64 24.78 -14.33 4.14
CA GLU C 64 24.46 -15.41 5.06
C GLU C 64 23.52 -16.41 4.43
N LEU C 65 22.59 -15.94 3.59
CA LEU C 65 21.67 -16.84 2.92
C LEU C 65 22.40 -17.70 1.89
N THR C 66 23.20 -17.07 1.03
CA THR C 66 23.89 -17.84 0.00
C THR C 66 24.95 -18.76 0.59
N ALA C 67 25.48 -18.43 1.76
CA ALA C 67 26.41 -19.35 2.43
C ALA C 67 25.73 -20.68 2.77
N ARG C 68 24.42 -20.66 3.05
CA ARG C 68 23.69 -21.90 3.31
C ARG C 68 23.57 -22.75 2.05
N VAL C 69 23.49 -22.12 0.89
CA VAL C 69 23.48 -22.84 -0.38
C VAL C 69 24.86 -23.40 -0.69
N GLY C 70 25.89 -22.57 -0.53
CA GLY C 70 27.25 -22.97 -0.78
C GLY C 70 27.99 -21.86 -1.53
N THR C 71 29.28 -21.72 -1.22
CA THR C 71 30.10 -20.67 -1.84
C THR C 71 30.44 -20.95 -3.30
N ASP C 72 30.12 -22.15 -3.80
CA ASP C 72 30.34 -22.43 -5.22
C ASP C 72 29.36 -21.68 -6.11
N MET C 73 28.20 -21.28 -5.58
CA MET C 73 27.27 -20.51 -6.39
C MET C 73 27.87 -19.14 -6.66
N SER C 74 27.98 -18.78 -7.92
CA SER C 74 28.73 -17.60 -8.34
C SER C 74 27.94 -16.32 -8.09
N ARG C 75 28.69 -15.21 -8.05
CA ARG C 75 28.10 -13.89 -7.92
C ARG C 75 27.06 -13.64 -9.01
N ASP C 76 27.38 -13.99 -10.26
CA ASP C 76 26.44 -13.76 -11.35
C ASP C 76 25.16 -14.56 -11.19
N GLU C 77 25.26 -15.81 -10.72
CA GLU C 77 24.06 -16.60 -10.52
C GLU C 77 23.18 -15.98 -9.45
N ILE C 78 23.79 -15.50 -8.37
CA ILE C 78 23.02 -14.84 -7.30
C ILE C 78 22.35 -13.59 -7.84
N LEU C 79 23.12 -12.74 -8.52
CA LEU C 79 22.55 -11.48 -9.00
C LEU C 79 21.40 -11.72 -9.97
N GLN C 80 21.55 -12.69 -10.86
CA GLN C 80 20.52 -12.95 -11.85
C GLN C 80 19.29 -13.58 -11.20
N ALA C 81 19.50 -14.41 -10.16
CA ALA C 81 18.37 -14.97 -9.43
C ALA C 81 17.60 -13.87 -8.72
N HIS C 82 18.33 -12.91 -8.14
CA HIS C 82 17.69 -11.74 -7.54
C HIS C 82 16.99 -10.90 -8.59
N ALA C 83 17.64 -10.69 -9.74
CA ALA C 83 16.99 -9.89 -10.79
C ALA C 83 15.64 -10.48 -11.16
N ARG C 84 15.57 -11.81 -11.27
CA ARG C 84 14.34 -12.48 -11.67
C ARG C 84 13.25 -12.28 -10.63
N HIS C 85 13.58 -12.50 -9.34
CA HIS C 85 12.54 -12.36 -8.32
C HIS C 85 12.19 -10.91 -8.05
N GLU C 86 13.18 -10.00 -8.12
CA GLU C 86 12.89 -8.60 -7.87
C GLU C 86 11.97 -8.02 -8.95
N SER C 87 12.33 -8.20 -10.23
CA SER C 87 11.51 -7.69 -11.32
C SER C 87 10.10 -8.26 -11.29
N ARG C 88 9.98 -9.57 -11.05
CA ARG C 88 8.64 -10.15 -11.02
C ARG C 88 7.83 -9.61 -9.85
N GLN C 89 8.43 -9.47 -8.67
CA GLN C 89 7.68 -8.97 -7.53
C GLN C 89 7.33 -7.50 -7.69
N GLN C 90 8.20 -6.73 -8.34
CA GLN C 90 7.90 -5.33 -8.62
C GLN C 90 6.72 -5.18 -9.57
N ALA C 91 6.52 -6.14 -10.48
CA ALA C 91 5.33 -6.15 -11.31
C ALA C 91 4.10 -6.63 -10.53
N GLN C 92 4.30 -7.55 -9.60
CA GLN C 92 3.18 -8.12 -8.84
C GLN C 92 2.58 -7.12 -7.87
N THR C 93 3.42 -6.40 -7.14
CA THR C 93 2.98 -5.46 -6.11
C THR C 93 3.67 -4.13 -6.37
N PRO C 94 3.22 -3.41 -7.41
CA PRO C 94 3.94 -2.19 -7.80
C PRO C 94 3.92 -1.08 -6.77
N GLY C 95 2.95 -1.07 -5.86
CA GLY C 95 2.86 -0.04 -4.85
C GLY C 95 3.51 -0.36 -3.53
N LYS C 96 4.18 -1.51 -3.44
CA LYS C 96 4.83 -1.90 -2.19
C LYS C 96 6.17 -1.16 -2.06
N PRO C 97 6.41 -0.47 -0.95
CA PRO C 97 7.70 0.20 -0.76
C PRO C 97 8.86 -0.78 -0.91
N TYR C 98 9.95 -0.31 -1.51
CA TYR C 98 11.09 -1.17 -1.81
C TYR C 98 11.60 -1.88 -0.55
N ARG C 99 11.65 -1.18 0.57
CA ARG C 99 12.12 -1.77 1.82
C ARG C 99 11.23 -2.91 2.28
N ASP C 100 9.97 -2.95 1.84
CA ASP C 100 9.05 -4.03 2.16
C ASP C 100 8.94 -5.06 1.03
N LEU C 101 9.44 -4.74 -0.16
CA LEU C 101 9.44 -5.66 -1.29
C LEU C 101 10.65 -6.58 -1.27
N LEU C 102 11.83 -6.04 -0.97
CA LEU C 102 13.02 -6.88 -0.86
C LEU C 102 12.88 -8.03 0.13
N PRO C 103 12.19 -7.89 1.28
CA PRO C 103 12.00 -9.07 2.14
C PRO C 103 11.29 -10.20 1.42
N ILE C 104 10.38 -9.89 0.51
CA ILE C 104 9.71 -10.93 -0.27
C ILE C 104 10.69 -11.57 -1.25
N VAL C 105 11.57 -10.76 -1.84
CA VAL C 105 12.58 -11.30 -2.75
C VAL C 105 13.50 -12.26 -2.01
N TYR C 106 13.95 -11.87 -0.82
CA TYR C 106 14.76 -12.75 0.00
C TYR C 106 14.04 -14.08 0.24
N LYS C 107 12.76 -14.03 0.62
CA LYS C 107 11.99 -15.26 0.82
C LYS C 107 11.94 -16.12 -0.44
N ARG C 108 11.65 -15.51 -1.59
CA ARG C 108 11.56 -16.27 -2.83
C ARG C 108 12.89 -16.94 -3.15
N LEU C 109 14.00 -16.25 -2.91
CA LEU C 109 15.32 -16.83 -3.15
C LEU C 109 15.58 -17.98 -2.20
N ALA C 110 15.32 -17.78 -0.90
CA ALA C 110 15.57 -18.85 0.07
C ALA C 110 14.74 -20.09 -0.27
N GLU C 111 13.50 -19.88 -0.69
CA GLU C 111 12.65 -21.01 -1.02
C GLU C 111 13.13 -21.72 -2.29
N GLN C 112 13.57 -20.95 -3.28
CA GLN C 112 14.09 -21.50 -4.52
C GLN C 112 15.34 -22.32 -4.26
N TRP C 113 16.16 -21.88 -3.33
CA TRP C 113 17.38 -22.59 -2.99
C TRP C 113 17.18 -23.68 -1.96
N GLY C 114 15.98 -23.80 -1.39
CA GLY C 114 15.66 -24.88 -0.48
C GLY C 114 16.32 -24.79 0.88
N VAL C 115 16.70 -23.59 1.32
CA VAL C 115 17.39 -23.44 2.59
C VAL C 115 16.47 -22.80 3.64
N PRO C 116 16.68 -23.08 4.92
CA PRO C 116 15.86 -22.45 5.94
C PRO C 116 16.19 -20.97 6.06
N PHE C 117 15.20 -20.21 6.52
CA PHE C 117 15.35 -18.78 6.69
C PHE C 117 14.26 -18.32 7.65
N SER C 118 14.28 -17.05 8.00
CA SER C 118 13.25 -16.51 8.86
C SER C 118 12.71 -15.21 8.28
N GLN C 119 11.50 -14.87 8.70
CA GLN C 119 10.93 -13.57 8.35
C GLN C 119 11.81 -12.44 8.87
N ALA C 120 12.44 -12.63 10.03
CA ALA C 120 13.32 -11.59 10.57
C ALA C 120 14.47 -11.32 9.61
N GLU C 121 15.07 -12.39 9.07
CA GLU C 121 16.13 -12.24 8.07
C GLU C 121 15.62 -11.50 6.84
N CYS C 122 14.38 -11.78 6.40
CA CYS C 122 13.82 -11.09 5.24
C CYS C 122 13.73 -9.60 5.48
N GLU C 123 13.18 -9.23 6.63
CA GLU C 123 12.99 -7.81 6.95
C GLU C 123 14.34 -7.12 7.09
N GLU C 124 15.32 -7.80 7.68
CA GLU C 124 16.67 -7.22 7.77
C GLU C 124 17.28 -7.00 6.39
N TYR C 125 17.07 -7.91 5.45
CA TYR C 125 17.56 -7.70 4.10
C TYR C 125 16.96 -6.43 3.46
N GLY C 126 15.66 -6.19 3.69
CA GLY C 126 15.05 -4.99 3.16
C GLY C 126 15.65 -3.72 3.74
N ARG C 127 16.11 -3.77 4.99
CA ARG C 127 16.80 -2.65 5.60
C ARG C 127 18.24 -2.53 5.14
N SER C 128 18.78 -3.54 4.47
CA SER C 128 20.19 -3.52 4.12
C SER C 128 20.50 -2.50 3.05
N VAL C 129 19.50 -1.98 2.35
CA VAL C 129 19.78 -0.99 1.31
C VAL C 129 20.53 0.20 1.90
N ARG C 130 20.23 0.56 3.15
CA ARG C 130 20.91 1.68 3.80
C ARG C 130 22.42 1.46 3.87
N ASN C 131 22.89 0.22 3.73
CA ASN C 131 24.31 -0.10 3.77
C ASN C 131 24.91 -0.30 2.39
N TRP C 132 24.13 -0.25 1.33
CA TRP C 132 24.70 -0.48 0.01
C TRP C 132 25.64 0.67 -0.33
N PRO C 133 26.89 0.39 -0.69
CA PRO C 133 27.90 1.46 -0.80
C PRO C 133 27.79 2.20 -2.12
N ALA C 134 28.19 3.47 -2.10
CA ALA C 134 28.37 4.21 -3.34
C ALA C 134 29.57 3.64 -4.10
N PHE C 135 29.47 3.60 -5.43
CA PHE C 135 30.69 3.53 -6.22
C PHE C 135 31.58 4.68 -5.79
N VAL C 136 32.89 4.40 -5.67
N VAL C 136 32.89 4.39 -5.70
CA VAL C 136 33.79 5.39 -5.08
CA VAL C 136 33.86 5.34 -5.15
C VAL C 136 33.89 6.66 -5.92
C VAL C 136 33.86 6.65 -5.92
N ASP C 137 33.61 6.59 -7.22
CA ASP C 137 33.65 7.79 -8.05
C ASP C 137 32.37 8.62 -8.00
N SER C 138 31.30 8.12 -7.39
CA SER C 138 30.01 8.79 -7.53
CA SER C 138 30.00 8.79 -7.52
C SER C 138 29.95 10.12 -6.79
N PRO C 139 30.35 10.24 -5.52
CA PRO C 139 30.17 11.54 -4.84
C PRO C 139 30.91 12.68 -5.53
N GLY C 140 32.17 12.46 -5.89
CA GLY C 140 32.92 13.51 -6.55
C GLY C 140 32.41 13.83 -7.93
N ALA C 141 31.97 12.82 -8.68
CA ALA C 141 31.39 13.05 -9.99
C ALA C 141 30.11 13.86 -9.88
N LEU C 142 29.25 13.51 -8.94
CA LEU C 142 28.00 14.25 -8.77
C LEU C 142 28.26 15.70 -8.34
N GLN C 143 29.25 15.91 -7.47
CA GLN C 143 29.58 17.25 -7.04
C GLN C 143 30.08 18.10 -8.22
N TYR C 144 30.88 17.50 -9.10
CA TYR C 144 31.28 18.21 -10.32
C TYR C 144 30.05 18.55 -11.16
N LEU C 145 29.19 17.56 -11.42
CA LEU C 145 28.11 17.77 -12.37
C LEU C 145 27.08 18.77 -11.85
N LYS C 146 26.91 18.87 -10.52
CA LYS C 146 25.98 19.82 -9.93
C LYS C 146 26.33 21.25 -10.34
N LYS C 147 27.59 21.52 -10.65
CA LYS C 147 27.95 22.87 -11.06
C LYS C 147 27.39 23.22 -12.44
N TYR C 148 27.10 22.22 -13.27
CA TYR C 148 26.74 22.43 -14.66
C TYR C 148 25.34 22.00 -15.02
N TYR C 149 24.67 21.21 -14.18
CA TYR C 149 23.40 20.58 -14.52
C TYR C 149 22.52 20.54 -13.29
N LYS C 150 21.22 20.66 -13.49
CA LYS C 150 20.29 20.19 -12.47
C LYS C 150 20.38 18.66 -12.44
N LEU C 151 20.30 18.09 -11.25
CA LEU C 151 20.48 16.65 -11.05
C LEU C 151 19.17 16.06 -10.56
N ILE C 152 18.68 15.05 -11.28
CA ILE C 152 17.41 14.39 -11.01
C ILE C 152 17.69 12.92 -10.74
N ILE C 153 16.95 12.35 -9.79
CA ILE C 153 16.98 10.91 -9.52
C ILE C 153 15.68 10.30 -10.00
N LEU C 154 15.78 9.19 -10.73
CA LEU C 154 14.65 8.31 -11.05
C LEU C 154 15.03 6.91 -10.58
N SER C 155 14.40 6.44 -9.50
CA SER C 155 14.96 5.26 -8.83
C SER C 155 13.87 4.34 -8.30
N ASN C 156 14.16 3.03 -8.36
CA ASN C 156 13.31 1.99 -7.78
C ASN C 156 13.66 1.86 -6.31
N VAL C 157 13.01 2.68 -5.49
CA VAL C 157 13.34 2.80 -4.08
C VAL C 157 12.17 3.47 -3.39
N ASP C 158 12.11 3.35 -2.07
CA ASP C 158 11.23 4.18 -1.26
C ASP C 158 12.01 5.39 -0.73
N ASN C 159 11.27 6.44 -0.39
CA ASN C 159 11.93 7.69 -0.04
C ASN C 159 12.67 7.62 1.29
N LYS C 160 12.13 6.88 2.26
CA LYS C 160 12.84 6.73 3.53
C LYS C 160 14.20 6.07 3.32
N THR C 161 14.24 5.03 2.50
CA THR C 161 15.49 4.34 2.23
C THR C 161 16.45 5.23 1.43
N PHE C 162 15.94 5.94 0.42
CA PHE C 162 16.84 6.68 -0.46
C PHE C 162 17.62 7.74 0.31
N GLN C 163 17.05 8.32 1.36
CA GLN C 163 17.76 9.33 2.13
CA GLN C 163 17.76 9.32 2.14
C GLN C 163 19.11 8.81 2.61
N TYR C 164 19.21 7.52 2.93
CA TYR C 164 20.49 6.97 3.36
C TYR C 164 21.47 6.87 2.20
N SER C 165 21.00 6.47 1.02
CA SER C 165 21.87 6.50 -0.15
C SER C 165 22.26 7.92 -0.49
N ASN C 166 21.33 8.86 -0.33
CA ASN C 166 21.61 10.25 -0.65
C ASN C 166 22.73 10.79 0.24
N GLU C 167 22.75 10.39 1.51
CA GLU C 167 23.82 10.80 2.40
C GLU C 167 25.17 10.30 1.90
N LYS C 168 25.21 9.07 1.37
CA LYS C 168 26.46 8.54 0.83
C LYS C 168 26.89 9.26 -0.44
N LEU C 169 25.93 9.81 -1.19
CA LEU C 169 26.26 10.46 -2.46
C LEU C 169 26.71 11.90 -2.28
N GLN C 170 26.36 12.54 -1.16
CA GLN C 170 26.94 13.82 -0.78
C GLN C 170 26.68 14.91 -1.82
N VAL C 171 25.41 15.00 -2.24
CA VAL C 171 24.97 16.04 -3.16
C VAL C 171 23.48 16.26 -2.93
N GLU C 172 23.00 17.45 -3.25
CA GLU C 172 21.59 17.74 -3.21
C GLU C 172 21.01 17.54 -4.60
N PHE C 173 19.95 16.76 -4.70
CA PHE C 173 19.29 16.55 -5.97
C PHE C 173 18.17 17.56 -6.17
N ASP C 174 18.08 18.07 -7.41
CA ASP C 174 17.02 19.02 -7.74
C ASP C 174 15.65 18.35 -7.73
N ALA C 175 15.59 17.05 -8.02
CA ALA C 175 14.34 16.31 -7.87
C ALA C 175 14.67 14.84 -7.66
N ILE C 176 13.82 14.18 -6.86
CA ILE C 176 13.92 12.75 -6.62
C ILE C 176 12.56 12.15 -6.97
N TYR C 177 12.50 11.38 -8.05
CA TYR C 177 11.28 10.70 -8.49
C TYR C 177 11.44 9.22 -8.20
N SER C 178 10.83 8.77 -7.12
CA SER C 178 11.02 7.39 -6.67
C SER C 178 9.84 6.52 -7.06
N ALA C 179 10.08 5.20 -7.05
CA ALA C 179 9.00 4.25 -7.26
C ALA C 179 7.88 4.44 -6.23
N GLU C 180 8.22 4.86 -5.01
CA GLU C 180 7.17 5.16 -4.04
C GLU C 180 6.27 6.30 -4.53
N ASP C 181 6.87 7.38 -5.06
CA ASP C 181 6.07 8.49 -5.59
C ASP C 181 5.20 8.02 -6.75
N VAL C 182 5.74 7.14 -7.59
CA VAL C 182 5.08 6.76 -8.82
C VAL C 182 3.96 5.77 -8.56
N GLY C 183 4.16 4.87 -7.59
CA GLY C 183 3.28 3.72 -7.45
C GLY C 183 3.60 2.58 -8.39
N ALA C 184 4.77 2.60 -9.04
CA ALA C 184 5.22 1.51 -9.89
C ALA C 184 6.74 1.57 -9.97
N TYR C 185 7.34 0.52 -10.52
CA TYR C 185 8.78 0.39 -10.64
C TYR C 185 9.19 0.41 -12.10
N ALA C 186 10.28 1.10 -12.40
CA ALA C 186 10.88 0.97 -13.72
C ALA C 186 11.13 -0.51 -14.00
N PRO C 187 10.91 -0.98 -15.25
CA PRO C 187 10.66 -0.21 -16.47
C PRO C 187 9.21 0.12 -16.79
N SER C 188 8.30 0.18 -15.80
CA SER C 188 6.94 0.63 -16.06
C SER C 188 6.95 1.98 -16.76
N ASP C 189 6.06 2.13 -17.75
CA ASP C 189 5.84 3.45 -18.36
C ASP C 189 5.55 4.50 -17.31
N ARG C 190 4.94 4.11 -16.19
CA ARG C 190 4.46 5.11 -15.24
C ARG C 190 5.61 5.93 -14.67
N ASN C 191 6.80 5.37 -14.56
CA ASN C 191 7.91 6.07 -13.92
C ASN C 191 8.38 7.25 -14.77
N PHE C 192 8.55 7.03 -16.07
CA PHE C 192 8.96 8.14 -16.94
C PHE C 192 7.82 9.12 -17.12
N GLU C 193 6.58 8.64 -17.20
N GLU C 193 6.59 8.65 -17.14
CA GLU C 193 5.45 9.56 -17.29
CA GLU C 193 5.47 9.55 -17.28
C GLU C 193 5.38 10.48 -16.08
C GLU C 193 5.38 10.48 -16.08
N TYR C 194 5.65 9.94 -14.90
CA TYR C 194 5.59 10.73 -13.66
C TYR C 194 6.67 11.79 -13.67
N MET C 195 7.91 11.39 -13.98
CA MET C 195 8.98 12.38 -14.08
C MET C 195 8.64 13.46 -15.09
N ASN C 196 8.18 13.06 -16.28
CA ASN C 196 7.90 14.06 -17.30
C ASN C 196 6.75 14.97 -16.93
N GLY C 197 5.83 14.50 -16.09
CA GLY C 197 4.77 15.36 -15.59
C GLY C 197 5.18 16.31 -14.50
N HIS C 198 6.39 16.18 -13.96
CA HIS C 198 6.85 17.06 -12.92
C HIS C 198 8.05 17.92 -13.28
N ILE C 199 8.82 17.55 -14.31
CA ILE C 199 10.03 18.33 -14.64
C ILE C 199 9.73 19.78 -15.01
N GLY C 200 8.50 20.08 -15.44
CA GLY C 200 8.13 21.46 -15.73
C GLY C 200 8.23 22.36 -14.51
N ASP C 201 8.01 21.80 -13.31
CA ASP C 201 8.23 22.54 -12.07
C ASP C 201 9.69 22.91 -11.88
N LEU C 202 10.61 22.27 -12.59
CA LEU C 202 12.02 22.62 -12.56
C LEU C 202 12.41 23.49 -13.74
N GLY C 203 11.45 23.92 -14.55
CA GLY C 203 11.75 24.70 -15.73
C GLY C 203 12.34 23.89 -16.85
N LEU C 204 12.06 22.59 -16.91
CA LEU C 204 12.68 21.69 -17.88
C LEU C 204 11.62 21.05 -18.77
N GLU C 205 12.01 20.79 -20.00
CA GLU C 205 11.25 19.95 -20.92
C GLU C 205 12.02 18.64 -21.10
N PRO C 206 11.37 17.57 -21.58
CA PRO C 206 12.07 16.29 -21.71
C PRO C 206 13.33 16.36 -22.54
N GLY C 207 13.33 17.19 -23.60
CA GLY C 207 14.52 17.32 -24.44
C GLY C 207 15.71 17.95 -23.74
N ASP C 208 15.51 18.56 -22.57
CA ASP C 208 16.58 19.18 -21.83
C ASP C 208 17.39 18.20 -21.00
N ILE C 209 16.96 16.93 -20.90
CA ILE C 209 17.45 16.00 -19.91
C ILE C 209 18.18 14.85 -20.60
N LEU C 210 19.34 14.50 -20.06
CA LEU C 210 20.10 13.33 -20.49
C LEU C 210 19.94 12.27 -19.41
N HIS C 211 19.27 11.17 -19.75
CA HIS C 211 19.04 10.11 -18.78
C HIS C 211 20.27 9.21 -18.69
N THR C 212 20.85 9.15 -17.50
CA THR C 212 22.15 8.54 -17.24
C THR C 212 21.97 7.34 -16.33
N ALA C 213 22.33 6.15 -16.81
CA ALA C 213 21.91 4.95 -16.12
C ALA C 213 22.73 3.75 -16.59
N GLU C 214 22.73 2.71 -15.75
CA GLU C 214 23.48 1.49 -16.02
C GLU C 214 22.63 0.40 -16.65
N SER C 215 21.32 0.38 -16.43
CA SER C 215 20.49 -0.78 -16.72
C SER C 215 19.81 -0.62 -18.07
N LEU C 216 20.10 -1.54 -19.01
CA LEU C 216 19.35 -1.52 -20.25
C LEU C 216 17.87 -1.81 -20.00
N PHE C 217 17.60 -2.77 -19.12
CA PHE C 217 16.22 -3.20 -18.85
C PHE C 217 15.42 -2.13 -18.13
N HIS C 218 15.96 -1.56 -17.05
CA HIS C 218 15.16 -0.65 -16.23
C HIS C 218 15.08 0.74 -16.82
N ASP C 219 16.11 1.16 -17.56
CA ASP C 219 16.27 2.57 -17.85
C ASP C 219 16.37 2.87 -19.34
N HIS C 220 17.22 2.17 -20.07
CA HIS C 220 17.48 2.58 -21.45
C HIS C 220 16.37 2.16 -22.39
N VAL C 221 15.80 0.98 -22.21
CA VAL C 221 14.62 0.62 -23.01
C VAL C 221 13.49 1.62 -22.78
N PRO C 222 13.07 1.92 -21.55
CA PRO C 222 12.04 2.97 -21.38
C PRO C 222 12.50 4.34 -21.84
N ALA C 223 13.74 4.74 -21.58
CA ALA C 223 14.19 6.06 -21.99
C ALA C 223 14.01 6.26 -23.49
N ARG C 224 14.40 5.26 -24.28
N ARG C 224 14.42 5.26 -24.28
CA ARG C 224 14.23 5.38 -25.73
CA ARG C 224 14.24 5.33 -25.73
C ARG C 224 12.77 5.29 -26.14
C ARG C 224 12.76 5.34 -26.10
N LYS C 225 11.95 4.55 -25.38
CA LYS C 225 10.52 4.54 -25.67
C LYS C 225 9.93 5.93 -25.51
N PHE C 226 10.41 6.68 -24.52
CA PHE C 226 9.94 8.03 -24.26
C PHE C 226 10.71 9.10 -25.04
N GLY C 227 11.55 8.69 -25.99
CA GLY C 227 12.27 9.66 -26.80
C GLY C 227 13.30 10.46 -26.06
N MET C 228 13.84 9.93 -24.95
N MET C 228 13.89 9.89 -25.01
CA MET C 228 14.82 10.65 -24.16
CA MET C 228 14.83 10.60 -24.17
C MET C 228 16.22 10.38 -24.68
C MET C 228 16.26 10.34 -24.60
N ALA C 229 17.06 11.40 -24.63
CA ALA C 229 18.49 11.23 -24.83
C ALA C 229 19.05 10.44 -23.66
N ASN C 230 20.01 9.57 -23.93
CA ASN C 230 20.46 8.67 -22.89
C ASN C 230 21.96 8.44 -22.91
N CYS C 231 22.49 8.19 -21.73
CA CYS C 231 23.92 7.98 -21.49
C CYS C 231 24.05 6.70 -20.69
N TRP C 232 24.77 5.73 -21.23
CA TRP C 232 24.92 4.44 -20.59
C TRP C 232 26.20 4.46 -19.76
N ILE C 233 26.07 4.35 -18.44
CA ILE C 233 27.20 4.16 -17.55
C ILE C 233 27.37 2.65 -17.43
N TYR C 234 28.31 2.10 -18.20
CA TYR C 234 28.49 0.66 -18.35
C TYR C 234 29.36 0.14 -17.21
N ARG C 235 28.77 0.13 -16.01
CA ARG C 235 29.49 -0.34 -14.83
C ARG C 235 30.02 -1.77 -15.01
N ARG C 236 29.31 -2.61 -15.75
CA ARG C 236 29.69 -4.01 -15.94
C ARG C 236 30.49 -4.23 -17.21
N HIS C 237 31.22 -3.21 -17.66
CA HIS C 237 31.98 -3.31 -18.90
C HIS C 237 32.96 -4.47 -18.89
N ALA C 238 33.48 -4.86 -17.72
CA ALA C 238 34.40 -5.98 -17.62
C ALA C 238 33.82 -7.19 -16.86
N GLN C 239 32.50 -7.33 -16.86
CA GLN C 239 31.82 -8.37 -16.09
C GLN C 239 30.71 -8.95 -16.95
N GLU C 240 30.84 -10.23 -17.29
CA GLU C 240 29.94 -10.83 -18.26
C GLU C 240 28.51 -10.91 -17.71
N GLY C 241 27.56 -10.65 -18.59
CA GLY C 241 26.16 -10.77 -18.22
C GLY C 241 25.59 -9.51 -17.61
N PHE C 242 24.31 -9.60 -17.27
CA PHE C 242 23.56 -8.43 -16.82
C PHE C 242 23.53 -8.25 -15.31
N GLY C 243 24.05 -9.20 -14.54
CA GLY C 243 24.12 -8.97 -13.10
C GLY C 243 22.75 -8.87 -12.48
N ALA C 244 22.51 -7.78 -11.75
CA ALA C 244 21.24 -7.61 -11.04
C ALA C 244 20.12 -7.06 -11.92
N THR C 245 20.35 -6.87 -13.20
CA THR C 245 19.31 -6.41 -14.12
C THR C 245 18.88 -7.55 -15.03
N MET C 246 17.63 -7.54 -15.45
CA MET C 246 17.15 -8.55 -16.38
C MET C 246 17.66 -8.29 -17.80
N THR C 247 17.79 -9.36 -18.56
CA THR C 247 18.07 -9.23 -19.98
C THR C 247 16.94 -8.44 -20.64
N PRO C 248 17.25 -7.41 -21.42
CA PRO C 248 16.18 -6.61 -22.05
C PRO C 248 15.62 -7.32 -23.28
N SER C 249 14.47 -6.82 -23.72
CA SER C 249 13.82 -7.39 -24.89
C SER C 249 14.67 -7.21 -26.14
N HIS C 250 15.48 -6.18 -26.16
CA HIS C 250 16.42 -5.88 -27.23
C HIS C 250 17.42 -4.92 -26.62
N GLU C 251 18.53 -4.71 -27.31
CA GLU C 251 19.54 -3.79 -26.82
C GLU C 251 19.25 -2.42 -27.40
N PRO C 252 18.87 -1.44 -26.60
CA PRO C 252 18.45 -0.14 -27.13
C PRO C 252 19.65 0.68 -27.55
N THR C 253 19.40 1.69 -28.36
CA THR C 253 20.48 2.60 -28.71
C THR C 253 20.80 3.51 -27.52
N TYR C 254 21.98 4.11 -27.58
CA TYR C 254 22.41 5.04 -26.56
C TYR C 254 23.21 6.15 -27.21
N ASP C 255 23.04 7.38 -26.72
CA ASP C 255 23.72 8.52 -27.32
C ASP C 255 25.14 8.67 -26.81
N PHE C 256 25.40 8.25 -25.57
CA PHE C 256 26.73 8.29 -24.98
C PHE C 256 26.93 7.02 -24.17
N ARG C 257 28.19 6.63 -24.02
CA ARG C 257 28.53 5.52 -23.13
C ARG C 257 29.88 5.77 -22.48
N PHE C 258 29.94 5.52 -21.17
CA PHE C 258 31.15 5.65 -20.38
C PHE C 258 31.21 4.49 -19.40
N ASN C 259 32.42 4.11 -19.02
CA ASN C 259 32.56 2.98 -18.12
C ASN C 259 32.30 3.33 -16.67
N SER C 260 32.22 4.62 -16.33
CA SER C 260 32.07 5.04 -14.94
C SER C 260 31.61 6.48 -14.91
N MET C 261 31.16 6.91 -13.74
CA MET C 261 30.82 8.32 -13.54
C MET C 261 32.06 9.19 -13.65
N ALA C 262 33.22 8.67 -13.23
CA ALA C 262 34.46 9.42 -13.36
C ALA C 262 34.77 9.71 -14.81
N ASP C 263 34.45 8.76 -15.71
CA ASP C 263 34.72 8.95 -17.13
C ASP C 263 33.73 9.91 -17.77
N LEU C 264 32.48 9.92 -17.29
CA LEU C 264 31.53 10.92 -17.74
C LEU C 264 32.04 12.32 -17.43
N VAL C 265 32.56 12.51 -16.22
CA VAL C 265 33.08 13.83 -15.85
C VAL C 265 34.28 14.20 -16.71
N LYS C 266 35.19 13.25 -16.93
CA LYS C 266 36.35 13.54 -17.77
C LYS C 266 35.93 13.95 -19.18
N ALA C 267 34.89 13.30 -19.72
CA ALA C 267 34.41 13.66 -21.05
C ALA C 267 33.81 15.06 -21.06
N HIS C 268 33.11 15.43 -20.00
CA HIS C 268 32.60 16.78 -19.89
C HIS C 268 33.75 17.77 -19.85
N GLN C 269 34.77 17.49 -19.04
CA GLN C 269 35.94 18.36 -18.97
C GLN C 269 36.61 18.48 -20.33
N GLU C 270 36.66 17.38 -21.10
CA GLU C 270 37.30 17.40 -22.41
C GLU C 270 36.53 18.25 -23.38
N GLU C 271 35.19 18.20 -23.31
CA GLU C 271 34.35 19.03 -24.16
C GLU C 271 34.61 20.50 -23.90
N LEU C 272 34.68 20.88 -22.62
CA LEU C 272 34.92 22.29 -22.32
C LEU C 272 36.33 22.71 -22.75
N ARG C 273 37.29 21.80 -22.67
CA ARG C 273 38.69 22.13 -22.97
C ARG C 273 38.91 22.29 -24.46
N ASN C 274 38.28 21.45 -25.25
CA ASN C 274 38.55 21.41 -26.69
C ASN C 274 37.39 21.87 -27.54
N GLY C 275 36.21 22.04 -26.96
CA GLY C 275 35.13 22.69 -27.67
C GLY C 275 35.42 24.18 -27.79
#